data_9FD6
#
_entry.id   9FD6
#
_cell.length_a   47.760
_cell.length_b   83.480
_cell.length_c   159.060
_cell.angle_alpha   90.00
_cell.angle_beta   90.00
_cell.angle_gamma   90.00
#
_symmetry.space_group_name_H-M   'P 21 21 21'
#
loop_
_entity.id
_entity.type
_entity.pdbx_description
1 polymer 'Flavin reductase'
2 non-polymer 'FLAVIN-ADENINE DINUCLEOTIDE'
3 non-polymer '1,4-DIHYDRONICOTINAMIDE ADENINE DINUCLEOTIDE'
4 water water
#
_entity_poly.entity_id   1
_entity_poly.type   'polypeptide(L)'
_entity_poly.pdbx_seq_one_letter_code
;GAMAGAAGGVTTEQQHYRDLMSAFPTGIAVVTSLDAQGVPRGMTCSSVTSATLSPPTLLVCLRNGSATLDAVSATRGFAV
NLLHDGGRHAAEVFSGPDPNRFSRVQWKQCRSGLPWLSKDAFAVAECRVSGTQEVGDHTVVFGEVARIAQTDGTPLLYGL
RSFAAWPLPSESARQGSEAAPRGSEPAYGARSSRG
;
_entity_poly.pdbx_strand_id   A,C,B,D
#
loop_
_chem_comp.id
_chem_comp.type
_chem_comp.name
_chem_comp.formula
FAD non-polymer 'FLAVIN-ADENINE DINUCLEOTIDE' 'C27 H33 N9 O15 P2'
NAI non-polymer '1,4-DIHYDRONICOTINAMIDE ADENINE DINUCLEOTIDE' 'C21 H29 N7 O14 P2'
#
# COMPACT_ATOMS: atom_id res chain seq x y z
N GLY A 9 -3.33 1.20 43.20
CA GLY A 9 -2.30 0.19 43.43
C GLY A 9 -2.04 -0.62 42.18
N VAL A 10 -0.84 -1.18 42.06
CA VAL A 10 -0.47 -1.98 40.90
C VAL A 10 0.43 -3.12 41.34
N THR A 11 0.39 -4.21 40.58
CA THR A 11 1.35 -5.29 40.74
C THR A 11 2.66 -4.93 40.04
N THR A 12 3.70 -5.71 40.38
CA THR A 12 5.00 -5.56 39.72
C THR A 12 4.84 -5.68 38.22
N GLU A 13 4.10 -6.68 37.75
N GLU A 13 4.10 -6.70 37.77
CA GLU A 13 3.93 -6.84 36.31
CA GLU A 13 3.88 -6.87 36.34
C GLU A 13 3.24 -5.62 35.71
C GLU A 13 3.26 -5.63 35.73
N GLN A 14 2.22 -5.10 36.37
CA GLN A 14 1.55 -3.91 35.85
C GLN A 14 2.49 -2.71 35.84
N GLN A 15 3.37 -2.61 36.84
CA GLN A 15 4.33 -1.51 36.87
C GLN A 15 5.28 -1.56 35.68
N HIS A 16 5.76 -2.76 35.33
CA HIS A 16 6.63 -2.87 34.15
C HIS A 16 5.89 -2.39 32.91
N TYR A 17 4.59 -2.67 32.84
CA TYR A 17 3.79 -2.22 31.69
C TYR A 17 3.61 -0.71 31.71
N ARG A 18 3.36 -0.12 32.89
CA ARG A 18 3.32 1.34 32.96
C ARG A 18 4.64 1.95 32.53
N ASP A 19 5.77 1.35 32.94
CA ASP A 19 7.07 1.87 32.53
C ASP A 19 7.20 1.90 31.01
N LEU A 20 6.70 0.84 30.34
CA LEU A 20 6.73 0.78 28.89
C LEU A 20 5.84 1.86 28.26
N MET A 21 4.57 1.88 28.65
CA MET A 21 3.63 2.78 28.00
C MET A 21 3.96 4.24 28.29
N SER A 22 4.62 4.51 29.42
N SER A 22 4.63 4.51 29.41
CA SER A 22 5.02 5.88 29.69
CA SER A 22 5.04 5.88 29.71
C SER A 22 5.95 6.41 28.61
C SER A 22 6.01 6.41 28.67
N ALA A 23 6.72 5.53 27.97
CA ALA A 23 7.70 5.93 26.96
C ALA A 23 7.12 6.08 25.56
N PHE A 24 5.79 6.03 25.41
CA PHE A 24 5.10 6.34 24.16
C PHE A 24 4.39 7.68 24.36
N PRO A 25 5.02 8.80 24.03
CA PRO A 25 4.38 10.09 24.31
C PRO A 25 3.18 10.33 23.40
N THR A 26 2.32 11.23 23.84
CA THR A 26 1.12 11.58 23.09
C THR A 26 0.79 13.06 23.28
N GLY A 27 -0.08 13.55 22.41
CA GLY A 27 -0.80 14.77 22.71
C GLY A 27 -1.72 14.57 23.91
N ILE A 28 -2.45 15.61 24.27
CA ILE A 28 -3.34 15.55 25.43
C ILE A 28 -4.68 16.17 25.03
N ALA A 29 -5.75 15.43 25.27
CA ALA A 29 -7.08 15.97 25.09
C ALA A 29 -7.81 16.01 26.44
N VAL A 30 -8.86 16.81 26.48
CA VAL A 30 -9.90 16.69 27.50
C VAL A 30 -11.16 16.25 26.77
N VAL A 31 -11.66 15.09 27.15
CA VAL A 31 -12.88 14.53 26.60
C VAL A 31 -14.02 14.97 27.49
N THR A 32 -15.03 15.61 26.90
CA THR A 32 -16.14 16.15 27.67
C THR A 32 -17.46 15.57 27.16
N SER A 33 -18.44 15.57 28.05
CA SER A 33 -19.81 15.19 27.71
C SER A 33 -20.73 15.78 28.76
N LEU A 34 -22.02 15.44 28.67
CA LEU A 34 -23.02 15.80 29.67
C LEU A 34 -23.60 14.54 30.28
N ASP A 35 -23.83 14.54 31.59
CA ASP A 35 -24.48 13.39 32.20
C ASP A 35 -25.99 13.44 31.94
N ALA A 36 -26.71 12.45 32.48
CA ALA A 36 -28.13 12.31 32.16
C ALA A 36 -28.92 13.52 32.63
N GLN A 37 -28.44 14.20 33.65
CA GLN A 37 -29.10 15.38 34.18
C GLN A 37 -28.54 16.67 33.61
N GLY A 38 -27.72 16.60 32.57
CA GLY A 38 -27.20 17.78 31.91
C GLY A 38 -25.94 18.36 32.51
N VAL A 39 -25.33 17.69 33.48
CA VAL A 39 -24.15 18.25 34.15
C VAL A 39 -22.91 17.97 33.31
N PRO A 40 -22.04 18.94 33.08
N PRO A 40 -22.06 18.95 33.06
CA PRO A 40 -20.83 18.67 32.30
CA PRO A 40 -20.82 18.69 32.32
C PRO A 40 -19.86 17.76 33.04
C PRO A 40 -19.91 17.72 33.06
N ARG A 41 -19.32 16.79 32.32
CA ARG A 41 -18.34 15.87 32.85
C ARG A 41 -17.18 15.82 31.86
N GLY A 42 -15.98 15.56 32.37
CA GLY A 42 -14.85 15.43 31.47
C GLY A 42 -13.62 14.90 32.18
N MET A 43 -12.67 14.47 31.37
CA MET A 43 -11.41 13.96 31.88
C MET A 43 -10.28 14.20 30.89
N THR A 44 -9.08 14.31 31.43
CA THR A 44 -7.88 14.31 30.63
C THR A 44 -7.70 12.94 30.00
N CYS A 45 -7.39 12.93 28.71
CA CYS A 45 -7.36 11.71 27.92
C CYS A 45 -6.16 11.74 27.00
N SER A 46 -5.32 10.72 27.11
CA SER A 46 -4.18 10.52 26.24
C SER A 46 -4.39 9.38 25.25
N SER A 47 -5.56 8.75 25.25
CA SER A 47 -5.81 7.56 24.44
C SER A 47 -6.52 7.86 23.12
N VAL A 48 -6.51 9.12 22.68
CA VAL A 48 -7.13 9.46 21.41
C VAL A 48 -6.36 8.79 20.28
N THR A 49 -7.07 8.05 19.44
CA THR A 49 -6.43 7.24 18.40
C THR A 49 -7.29 7.29 17.15
N SER A 50 -6.66 7.42 16.00
CA SER A 50 -7.41 7.41 14.76
C SER A 50 -7.77 5.98 14.39
N ALA A 51 -9.03 5.74 14.04
CA ALA A 51 -9.49 4.41 13.66
C ALA A 51 -9.62 4.25 12.15
N THR A 52 -10.45 5.06 11.51
CA THR A 52 -10.67 4.95 10.07
C THR A 52 -11.12 6.29 9.54
N LEU A 53 -10.91 6.48 8.23
CA LEU A 53 -11.41 7.65 7.54
C LEU A 53 -12.82 7.48 6.98
N SER A 54 -13.35 6.25 6.94
N SER A 54 -13.35 6.25 6.95
CA SER A 54 -14.58 5.94 6.22
CA SER A 54 -14.58 5.94 6.23
C SER A 54 -15.61 5.28 7.14
C SER A 54 -15.60 5.27 7.15
N PRO A 55 -16.45 6.06 7.82
CA PRO A 55 -16.45 7.52 7.92
C PRO A 55 -15.43 7.88 8.98
N PRO A 56 -15.06 9.16 9.08
CA PRO A 56 -14.04 9.56 10.06
C PRO A 56 -14.41 9.14 11.47
N THR A 57 -13.57 8.29 12.06
CA THR A 57 -13.87 7.67 13.34
C THR A 57 -12.57 7.62 14.15
N LEU A 58 -12.60 8.18 15.34
CA LEU A 58 -11.52 8.03 16.30
C LEU A 58 -11.99 7.12 17.43
N LEU A 59 -11.07 6.80 18.33
CA LEU A 59 -11.44 6.09 19.54
C LEU A 59 -10.74 6.73 20.73
N VAL A 60 -11.35 6.53 21.89
CA VAL A 60 -10.76 6.88 23.18
C VAL A 60 -10.99 5.69 24.10
N CYS A 61 -10.17 5.59 25.13
N CYS A 61 -10.12 5.56 25.08
CA CYS A 61 -10.28 4.50 26.10
CA CYS A 61 -10.26 4.54 26.12
C CYS A 61 -10.52 5.12 27.47
C CYS A 61 -10.59 5.27 27.41
N LEU A 62 -11.70 4.89 28.03
CA LEU A 62 -12.13 5.51 29.27
C LEU A 62 -12.37 4.50 30.38
N ARG A 63 -12.00 4.87 31.60
CA ARG A 63 -12.13 3.98 32.74
C ARG A 63 -13.59 3.68 33.08
N ASN A 64 -13.88 2.42 33.34
CA ASN A 64 -15.23 2.03 33.73
C ASN A 64 -15.56 2.62 35.09
N GLY A 65 -16.77 3.13 35.24
CA GLY A 65 -17.18 3.80 36.46
C GLY A 65 -16.80 5.27 36.53
N SER A 66 -16.04 5.79 35.57
CA SER A 66 -15.73 7.20 35.58
C SER A 66 -16.96 8.03 35.25
N ALA A 67 -16.99 9.23 35.82
CA ALA A 67 -18.09 10.16 35.53
C ALA A 67 -18.16 10.44 34.04
N THR A 68 -17.00 10.57 33.38
CA THR A 68 -17.02 10.89 31.96
C THR A 68 -17.60 9.75 31.15
N LEU A 69 -17.17 8.51 31.40
CA LEU A 69 -17.73 7.39 30.64
C LEU A 69 -19.22 7.26 30.88
N ASP A 70 -19.68 7.47 32.12
N ASP A 70 -19.67 7.48 32.12
CA ASP A 70 -21.11 7.42 32.36
CA ASP A 70 -21.09 7.42 32.43
C ASP A 70 -21.85 8.47 31.53
C ASP A 70 -21.87 8.49 31.65
N ALA A 71 -21.28 9.67 31.47
CA ALA A 71 -21.93 10.72 30.69
C ALA A 71 -21.92 10.39 29.20
N VAL A 72 -20.79 9.92 28.69
CA VAL A 72 -20.71 9.50 27.30
C VAL A 72 -21.73 8.40 27.00
N SER A 73 -21.88 7.44 27.91
CA SER A 73 -22.83 6.37 27.70
C SER A 73 -24.26 6.87 27.78
N ALA A 74 -24.53 7.83 28.66
CA ALA A 74 -25.87 8.41 28.76
C ALA A 74 -26.24 9.13 27.47
N THR A 75 -25.39 10.04 27.03
CA THR A 75 -25.73 10.97 25.95
C THR A 75 -25.33 10.50 24.56
N ARG A 76 -24.47 9.48 24.47
CA ARG A 76 -24.03 8.92 23.19
C ARG A 76 -23.26 9.94 22.35
N GLY A 77 -22.65 10.92 23.01
CA GLY A 77 -21.82 11.88 22.33
C GLY A 77 -20.77 12.44 23.25
N PHE A 78 -19.73 13.00 22.64
CA PHE A 78 -18.65 13.58 23.42
C PHE A 78 -17.84 14.51 22.53
N ALA A 79 -17.12 15.41 23.19
CA ALA A 79 -16.19 16.30 22.51
C ALA A 79 -14.75 15.96 22.88
N VAL A 80 -13.88 16.00 21.89
CA VAL A 80 -12.45 15.82 22.08
C VAL A 80 -11.81 17.20 21.93
N ASN A 81 -11.29 17.73 23.03
CA ASN A 81 -10.67 19.05 23.06
C ASN A 81 -9.16 18.84 23.07
N LEU A 82 -8.49 19.14 21.96
CA LEU A 82 -7.03 18.99 21.90
C LEU A 82 -6.36 20.20 22.54
N LEU A 83 -5.55 19.96 23.56
CA LEU A 83 -4.96 21.05 24.32
C LEU A 83 -3.69 21.60 23.66
N HIS A 84 -3.57 22.93 23.65
CA HIS A 84 -2.34 23.55 23.20
C HIS A 84 -1.39 23.69 24.38
N ASP A 85 -0.19 24.21 24.11
CA ASP A 85 0.88 24.18 25.11
C ASP A 85 0.65 25.13 26.28
N GLY A 86 -0.41 25.94 26.25
CA GLY A 86 -0.81 26.68 27.42
C GLY A 86 -1.80 25.97 28.31
N GLY A 87 -2.15 24.71 28.00
CA GLY A 87 -3.24 24.05 28.66
C GLY A 87 -2.87 23.06 29.76
N ARG A 88 -1.64 23.15 30.27
CA ARG A 88 -1.21 22.19 31.28
C ARG A 88 -2.10 22.22 32.51
N HIS A 89 -2.48 23.41 32.97
CA HIS A 89 -3.31 23.49 34.16
C HIS A 89 -4.65 22.79 33.95
N ALA A 90 -5.25 22.96 32.77
CA ALA A 90 -6.50 22.25 32.48
C ALA A 90 -6.29 20.75 32.53
N ALA A 91 -5.20 20.26 31.95
CA ALA A 91 -4.92 18.84 31.97
C ALA A 91 -4.75 18.32 33.39
N GLU A 92 -4.10 19.11 34.24
CA GLU A 92 -3.90 18.69 35.63
C GLU A 92 -5.24 18.63 36.37
N VAL A 93 -6.07 19.65 36.20
CA VAL A 93 -7.34 19.69 36.90
C VAL A 93 -8.25 18.56 36.43
N PHE A 94 -8.28 18.32 35.11
CA PHE A 94 -9.15 17.29 34.56
C PHE A 94 -8.59 15.88 34.72
N SER A 95 -7.43 15.72 35.36
CA SER A 95 -6.94 14.40 35.73
C SER A 95 -6.90 14.19 37.24
N GLY A 96 -7.34 15.19 38.01
CA GLY A 96 -7.23 15.16 39.44
C GLY A 96 -8.52 14.73 40.12
N PRO A 97 -8.57 14.90 41.44
CA PRO A 97 -9.69 14.38 42.23
C PRO A 97 -10.90 15.30 42.36
N ASP A 98 -10.84 16.51 41.81
CA ASP A 98 -11.85 17.52 42.11
C ASP A 98 -13.00 17.41 41.11
N PRO A 99 -14.22 17.06 41.55
CA PRO A 99 -15.34 17.02 40.59
C PRO A 99 -15.76 18.39 40.09
N ASN A 100 -15.37 19.47 40.78
N ASN A 100 -15.33 19.46 40.77
CA ASN A 100 -15.70 20.82 40.33
CA ASN A 100 -15.62 20.85 40.43
C ASN A 100 -14.69 21.37 39.33
C ASN A 100 -14.74 21.38 39.29
N ARG A 101 -14.09 20.49 38.55
CA ARG A 101 -13.15 20.89 37.50
C ARG A 101 -13.68 21.95 36.55
N PHE A 102 -14.97 21.90 36.21
CA PHE A 102 -15.48 22.86 35.24
C PHE A 102 -15.57 24.28 35.79
N SER A 103 -15.47 24.46 37.11
CA SER A 103 -15.40 25.79 37.68
C SER A 103 -13.97 26.32 37.75
N ARG A 104 -12.98 25.52 37.36
CA ARG A 104 -11.57 25.89 37.46
C ARG A 104 -10.92 26.07 36.12
N VAL A 105 -11.68 25.97 35.03
CA VAL A 105 -11.21 26.30 33.69
C VAL A 105 -12.29 27.17 33.06
N GLN A 106 -11.89 27.93 32.05
CA GLN A 106 -12.84 28.72 31.28
C GLN A 106 -13.36 27.83 30.16
N TRP A 107 -14.68 27.77 30.02
CA TRP A 107 -15.26 26.92 28.99
C TRP A 107 -16.54 27.53 28.46
N LYS A 108 -17.00 26.97 27.35
CA LYS A 108 -18.21 27.43 26.70
C LYS A 108 -18.99 26.21 26.23
N GLN A 109 -20.31 26.37 26.12
N GLN A 109 -20.31 26.37 26.17
CA GLN A 109 -21.17 25.30 25.69
CA GLN A 109 -21.18 25.32 25.67
C GLN A 109 -21.35 25.38 24.18
C GLN A 109 -21.26 25.41 24.15
N CYS A 110 -20.99 24.30 23.48
CA CYS A 110 -21.24 24.27 22.05
C CYS A 110 -22.75 24.33 21.80
N ARG A 111 -23.10 24.64 20.55
CA ARG A 111 -24.51 24.66 20.17
C ARG A 111 -25.18 23.33 20.51
N SER A 112 -24.45 22.22 20.35
CA SER A 112 -24.97 20.90 20.68
C SER A 112 -25.13 20.67 22.17
N GLY A 113 -24.52 21.52 23.01
CA GLY A 113 -24.47 21.32 24.43
C GLY A 113 -23.14 20.81 24.96
N LEU A 114 -22.27 20.29 24.10
CA LEU A 114 -21.03 19.69 24.59
C LEU A 114 -20.08 20.76 25.12
N PRO A 115 -19.36 20.49 26.22
CA PRO A 115 -18.41 21.49 26.74
C PRO A 115 -17.17 21.61 25.87
N TRP A 116 -16.79 22.85 25.59
CA TRP A 116 -15.63 23.20 24.78
C TRP A 116 -14.68 24.02 25.66
N LEU A 117 -13.43 23.57 25.76
CA LEU A 117 -12.43 24.25 26.60
C LEU A 117 -11.79 25.34 25.74
N SER A 118 -12.50 26.47 25.65
CA SER A 118 -12.18 27.48 24.64
C SER A 118 -10.83 28.14 24.88
N LYS A 119 -10.38 28.21 26.11
CA LYS A 119 -9.14 28.90 26.41
C LYS A 119 -7.92 27.99 26.32
N ASP A 120 -8.11 26.68 26.52
CA ASP A 120 -7.00 25.75 26.62
C ASP A 120 -6.84 24.83 25.44
N ALA A 121 -7.82 24.76 24.55
CA ALA A 121 -7.79 23.85 23.41
C ALA A 121 -7.62 24.61 22.12
N PHE A 122 -6.85 24.05 21.19
CA PHE A 122 -6.73 24.62 19.86
C PHE A 122 -7.62 23.93 18.84
N ALA A 123 -8.23 22.80 19.20
CA ALA A 123 -9.16 22.12 18.31
C ALA A 123 -10.20 21.42 19.15
N VAL A 124 -11.40 21.28 18.59
CA VAL A 124 -12.48 20.53 19.21
C VAL A 124 -13.15 19.69 18.14
N ALA A 125 -13.42 18.43 18.47
CA ALA A 125 -14.15 17.53 17.58
C ALA A 125 -15.35 16.97 18.34
N GLU A 126 -16.54 17.17 17.79
CA GLU A 126 -17.76 16.63 18.35
C GLU A 126 -18.01 15.29 17.69
N CYS A 127 -18.26 14.28 18.53
CA CYS A 127 -18.35 12.89 18.10
C CYS A 127 -19.66 12.27 18.58
N ARG A 128 -20.20 11.39 17.75
CA ARG A 128 -21.27 10.49 18.13
C ARG A 128 -20.67 9.13 18.46
N VAL A 129 -21.13 8.53 19.56
CA VAL A 129 -20.67 7.19 19.91
C VAL A 129 -21.23 6.21 18.89
N SER A 130 -20.35 5.52 18.18
CA SER A 130 -20.75 4.55 17.17
C SER A 130 -20.54 3.11 17.62
N GLY A 131 -19.91 2.90 18.76
CA GLY A 131 -19.74 1.58 19.31
C GLY A 131 -18.86 1.64 20.53
N THR A 132 -18.90 0.60 21.34
CA THR A 132 -18.04 0.49 22.49
C THR A 132 -17.55 -0.96 22.61
N GLN A 133 -16.41 -1.14 23.27
CA GLN A 133 -15.87 -2.46 23.53
C GLN A 133 -15.20 -2.41 24.90
N GLU A 134 -15.73 -3.19 25.84
N GLU A 134 -15.75 -3.17 25.86
CA GLU A 134 -15.12 -3.31 27.15
CA GLU A 134 -15.11 -3.25 27.17
C GLU A 134 -13.81 -4.09 27.05
C GLU A 134 -13.85 -4.09 27.09
N VAL A 135 -12.80 -3.64 27.78
CA VAL A 135 -11.53 -4.35 27.86
C VAL A 135 -11.00 -4.19 29.28
N GLY A 136 -11.04 -5.26 30.06
CA GLY A 136 -10.69 -5.13 31.47
C GLY A 136 -11.57 -4.08 32.13
N ASP A 137 -10.94 -3.14 32.85
CA ASP A 137 -11.66 -2.12 33.59
C ASP A 137 -11.84 -0.84 32.80
N HIS A 138 -11.73 -0.91 31.47
CA HIS A 138 -11.88 0.23 30.60
C HIS A 138 -12.86 -0.10 29.49
N THR A 139 -13.29 0.94 28.79
CA THR A 139 -14.15 0.81 27.62
C THR A 139 -13.53 1.62 26.49
N VAL A 140 -13.26 0.96 25.37
CA VAL A 140 -12.91 1.65 24.14
C VAL A 140 -14.20 2.20 23.55
N VAL A 141 -14.23 3.51 23.33
CA VAL A 141 -15.39 4.21 22.78
C VAL A 141 -15.02 4.66 21.37
N PHE A 142 -15.80 4.22 20.39
CA PHE A 142 -15.61 4.69 19.03
C PHE A 142 -16.46 5.92 18.79
N GLY A 143 -15.84 6.96 18.24
CA GLY A 143 -16.51 8.22 18.01
C GLY A 143 -16.47 8.61 16.55
N GLU A 144 -17.64 8.62 15.91
CA GLU A 144 -17.74 9.11 14.54
C GLU A 144 -17.83 10.62 14.61
N VAL A 145 -16.89 11.29 13.94
CA VAL A 145 -16.72 12.73 14.10
C VAL A 145 -17.77 13.46 13.29
N ALA A 146 -18.54 14.31 13.96
CA ALA A 146 -19.61 15.09 13.35
C ALA A 146 -19.19 16.49 12.97
N ARG A 147 -18.32 17.12 13.76
CA ARG A 147 -17.92 18.50 13.53
C ARG A 147 -16.54 18.70 14.10
N ILE A 148 -15.72 19.43 13.37
CA ILE A 148 -14.39 19.82 13.83
C ILE A 148 -14.24 21.32 13.70
N ALA A 149 -13.64 21.95 14.69
CA ALA A 149 -13.13 23.30 14.59
C ALA A 149 -11.67 23.27 15.01
N GLN A 150 -10.82 24.00 14.27
CA GLN A 150 -9.39 23.92 14.53
C GLN A 150 -8.75 25.26 14.23
N THR A 151 -7.77 25.63 15.04
N THR A 151 -7.76 25.61 15.05
CA THR A 151 -6.93 26.77 14.75
CA THR A 151 -6.95 26.79 14.86
C THR A 151 -5.48 26.39 14.99
C THR A 151 -5.48 26.40 15.02
N ASP A 152 -4.58 27.27 14.57
CA ASP A 152 -3.17 27.05 14.80
C ASP A 152 -2.90 27.03 16.30
N GLY A 153 -1.99 26.16 16.69
CA GLY A 153 -1.57 26.08 18.08
C GLY A 153 -0.50 25.03 18.19
N THR A 154 0.35 25.18 19.19
CA THR A 154 1.38 24.17 19.45
C THR A 154 0.81 23.12 20.38
N PRO A 155 0.73 21.85 19.97
CA PRO A 155 0.13 20.83 20.85
C PRO A 155 0.92 20.64 22.13
N LEU A 156 0.18 20.54 23.23
CA LEU A 156 0.73 20.03 24.48
C LEU A 156 1.02 18.55 24.33
N LEU A 157 2.09 18.09 24.96
CA LEU A 157 2.45 16.69 24.94
C LEU A 157 2.57 16.16 26.37
N TYR A 158 2.45 14.84 26.49
CA TYR A 158 2.73 14.18 27.75
C TYR A 158 3.49 12.90 27.44
N GLY A 159 4.57 12.68 28.17
CA GLY A 159 5.39 11.50 27.97
C GLY A 159 6.40 11.38 29.08
N LEU A 160 6.81 10.15 29.40
N LEU A 160 6.81 10.15 29.40
CA LEU A 160 7.83 9.92 30.42
CA LEU A 160 7.82 9.94 30.43
C LEU A 160 7.47 10.62 31.74
C LEU A 160 7.46 10.73 31.68
N ARG A 161 6.18 10.67 32.03
CA ARG A 161 5.65 11.27 33.26
C ARG A 161 5.87 12.78 33.32
N SER A 162 5.85 13.44 32.16
N SER A 162 5.90 13.45 32.17
CA SER A 162 6.17 14.86 32.07
CA SER A 162 6.12 14.89 32.13
C SER A 162 5.32 15.52 30.98
C SER A 162 5.33 15.52 31.00
N PHE A 163 4.84 16.74 31.25
CA PHE A 163 4.31 17.58 30.20
C PHE A 163 5.46 18.21 29.42
N ALA A 164 5.21 18.47 28.14
CA ALA A 164 6.14 19.17 27.27
C ALA A 164 5.31 19.80 26.16
N ALA A 165 5.98 20.55 25.29
CA ALA A 165 5.34 21.15 24.14
C ALA A 165 5.91 20.52 22.88
N TRP A 166 5.06 20.36 21.86
CA TRP A 166 5.53 19.92 20.56
C TRP A 166 6.69 20.81 20.12
N PRO A 167 7.84 20.23 19.74
CA PRO A 167 9.05 21.06 19.57
C PRO A 167 9.18 21.80 18.24
N LEU A 168 8.41 21.45 17.21
CA LEU A 168 8.52 22.13 15.93
C LEU A 168 7.54 23.30 15.81
N GLY B 8 0.04 -27.71 -9.99
CA GLY B 8 0.69 -27.92 -8.70
C GLY B 8 2.17 -27.60 -8.76
N GLY B 9 2.85 -27.74 -7.63
CA GLY B 9 4.25 -27.40 -7.52
C GLY B 9 4.46 -26.21 -6.60
N VAL B 10 5.74 -25.90 -6.36
CA VAL B 10 6.08 -24.81 -5.46
C VAL B 10 5.91 -23.48 -6.18
N THR B 11 5.52 -22.45 -5.44
CA THR B 11 5.65 -21.09 -5.94
C THR B 11 6.28 -20.20 -4.88
N THR B 12 6.87 -19.13 -5.39
CA THR B 12 7.57 -18.14 -4.59
C THR B 12 6.60 -17.43 -3.65
N GLU B 13 7.17 -16.80 -2.65
CA GLU B 13 6.43 -15.88 -1.79
C GLU B 13 5.72 -14.85 -2.65
N GLN B 14 4.44 -14.63 -2.35
CA GLN B 14 3.65 -13.69 -3.14
C GLN B 14 4.25 -12.29 -3.15
N GLN B 15 4.72 -11.80 -2.00
CA GLN B 15 5.32 -10.47 -1.98
C GLN B 15 6.56 -10.40 -2.85
N HIS B 16 7.39 -11.46 -2.85
CA HIS B 16 8.57 -11.43 -3.68
C HIS B 16 8.21 -11.36 -5.15
N TYR B 17 7.09 -11.99 -5.52
CA TYR B 17 6.61 -11.88 -6.89
C TYR B 17 6.22 -10.44 -7.23
N ARG B 18 5.48 -9.79 -6.32
CA ARG B 18 5.17 -8.38 -6.53
C ARG B 18 6.44 -7.56 -6.65
N ASP B 19 7.43 -7.83 -5.79
CA ASP B 19 8.69 -7.09 -5.85
C ASP B 19 9.38 -7.28 -7.20
N LEU B 20 9.33 -8.50 -7.75
CA LEU B 20 9.93 -8.76 -9.04
C LEU B 20 9.22 -7.99 -10.14
N MET B 21 7.91 -8.15 -10.24
CA MET B 21 7.19 -7.52 -11.34
C MET B 21 7.14 -6.02 -11.20
N SER B 22 7.25 -5.51 -9.97
CA SER B 22 7.33 -4.07 -9.79
C SER B 22 8.54 -3.48 -10.48
N ALA B 23 9.62 -4.25 -10.58
CA ALA B 23 10.86 -3.81 -11.17
C ALA B 23 10.88 -4.00 -12.69
N PHE B 24 9.75 -4.36 -13.30
CA PHE B 24 9.59 -4.34 -14.76
C PHE B 24 8.68 -3.17 -15.08
N PRO B 25 9.23 -1.98 -15.38
CA PRO B 25 8.37 -0.81 -15.59
C PRO B 25 7.65 -0.90 -16.92
N THR B 26 6.58 -0.12 -17.03
CA THR B 26 5.73 -0.15 -18.21
C THR B 26 5.15 1.24 -18.44
N GLY B 27 4.61 1.44 -19.64
CA GLY B 27 3.64 2.50 -19.85
C GLY B 27 2.38 2.27 -19.05
N ILE B 28 1.41 3.17 -19.17
N ILE B 28 1.43 3.20 -19.13
CA ILE B 28 0.15 3.09 -18.44
CA ILE B 28 0.15 3.08 -18.44
C ILE B 28 -0.98 3.43 -19.38
C ILE B 28 -0.96 3.39 -19.43
N ALA B 29 -1.98 2.56 -19.44
CA ALA B 29 -3.18 2.79 -20.22
C ALA B 29 -4.41 2.86 -19.32
N VAL B 30 -5.46 3.43 -19.88
CA VAL B 30 -6.81 3.21 -19.38
C VAL B 30 -7.54 2.41 -20.43
N VAL B 31 -8.01 1.24 -20.04
CA VAL B 31 -8.81 0.38 -20.90
C VAL B 31 -10.28 0.70 -20.64
N THR B 32 -11.03 1.03 -21.70
CA THR B 32 -12.42 1.41 -21.55
C THR B 32 -13.31 0.57 -22.46
N SER B 33 -14.59 0.50 -22.10
CA SER B 33 -15.60 -0.15 -22.91
C SER B 33 -16.96 0.39 -22.48
N LEU B 34 -18.02 -0.16 -23.05
CA LEU B 34 -19.38 0.10 -22.59
C LEU B 34 -19.93 -1.19 -21.99
N ASP B 35 -20.67 -1.08 -20.90
CA ASP B 35 -21.21 -2.28 -20.29
C ASP B 35 -22.49 -2.71 -20.99
N ALA B 36 -23.09 -3.81 -20.50
CA ALA B 36 -24.23 -4.40 -21.18
C ALA B 36 -25.43 -3.46 -21.22
N GLN B 37 -25.48 -2.46 -20.35
CA GLN B 37 -26.55 -1.48 -20.35
C GLN B 37 -26.12 -0.17 -21.01
N GLY B 38 -24.95 -0.13 -21.63
CA GLY B 38 -24.45 1.02 -22.34
C GLY B 38 -23.68 2.03 -21.51
N VAL B 39 -23.33 1.70 -20.27
CA VAL B 39 -22.65 2.65 -19.39
C VAL B 39 -21.14 2.54 -19.59
N PRO B 40 -20.43 3.65 -19.75
N PRO B 40 -20.43 3.66 -19.73
CA PRO B 40 -18.97 3.56 -19.89
CA PRO B 40 -18.97 3.57 -19.88
C PRO B 40 -18.33 3.00 -18.63
C PRO B 40 -18.30 3.02 -18.63
N ARG B 41 -17.33 2.14 -18.85
CA ARG B 41 -16.56 1.54 -17.77
C ARG B 41 -15.10 1.55 -18.18
N GLY B 42 -14.21 1.64 -17.21
CA GLY B 42 -12.80 1.59 -17.54
C GLY B 42 -11.95 1.38 -16.31
N MET B 43 -10.69 1.02 -16.57
N MET B 43 -10.68 1.06 -16.57
CA MET B 43 -9.73 0.82 -15.50
CA MET B 43 -9.73 0.79 -15.51
C MET B 43 -8.33 1.16 -15.98
C MET B 43 -8.32 1.09 -15.98
N THR B 44 -7.47 1.50 -15.02
CA THR B 44 -6.06 1.68 -15.29
C THR B 44 -5.43 0.30 -15.49
N CYS B 45 -4.56 0.21 -16.49
CA CYS B 45 -4.04 -1.07 -16.94
C CYS B 45 -2.59 -0.91 -17.37
N SER B 46 -1.72 -1.72 -16.78
CA SER B 46 -0.31 -1.76 -17.13
C SER B 46 0.07 -3.03 -17.88
N SER B 47 -0.87 -3.95 -18.09
CA SER B 47 -0.57 -5.24 -18.70
C SER B 47 -0.72 -5.23 -20.23
N VAL B 48 -0.69 -4.05 -20.86
CA VAL B 48 -0.74 -4.00 -22.31
C VAL B 48 0.51 -4.64 -22.89
N THR B 49 0.32 -5.62 -23.78
CA THR B 49 1.43 -6.39 -24.34
C THR B 49 1.12 -6.68 -25.79
N SER B 50 2.11 -6.53 -26.66
CA SER B 50 1.92 -6.88 -28.06
C SER B 50 1.98 -8.40 -28.22
N ALA B 51 1.01 -8.95 -28.94
CA ALA B 51 0.94 -10.38 -29.17
C ALA B 51 1.42 -10.79 -30.56
N THR B 52 0.89 -10.16 -31.62
CA THR B 52 1.34 -10.46 -32.98
C THR B 52 1.04 -9.26 -33.88
N LEU B 53 1.73 -9.24 -35.03
CA LEU B 53 1.50 -8.21 -36.04
C LEU B 53 0.54 -8.64 -37.13
N SER B 54 0.21 -9.93 -37.22
N SER B 54 0.18 -9.92 -37.18
CA SER B 54 -0.51 -10.47 -38.38
CA SER B 54 -0.50 -10.49 -38.33
C SER B 54 -1.71 -11.29 -37.93
C SER B 54 -1.70 -11.29 -37.87
N PRO B 55 -2.87 -10.65 -37.71
CA PRO B 55 -3.13 -9.21 -37.81
C PRO B 55 -2.75 -8.54 -36.50
N PRO B 56 -2.57 -7.21 -36.49
CA PRO B 56 -2.21 -6.52 -35.24
C PRO B 56 -3.12 -6.88 -34.07
N THR B 57 -2.52 -7.47 -33.04
CA THR B 57 -3.25 -7.97 -31.88
C THR B 57 -2.43 -7.69 -30.64
N LEU B 58 -3.01 -6.99 -29.68
CA LEU B 58 -2.43 -6.82 -28.36
C LEU B 58 -3.19 -7.68 -27.36
N LEU B 59 -2.70 -7.72 -26.13
CA LEU B 59 -3.45 -8.33 -25.04
C LEU B 59 -3.38 -7.42 -23.83
N VAL B 60 -4.39 -7.59 -22.96
CA VAL B 60 -4.43 -7.01 -21.64
C VAL B 60 -4.86 -8.12 -20.69
N CYS B 61 -4.58 -7.93 -19.40
N CYS B 61 -4.50 -7.95 -19.42
CA CYS B 61 -4.91 -8.92 -18.38
CA CYS B 61 -4.88 -8.86 -18.35
C CYS B 61 -5.72 -8.23 -17.30
C CYS B 61 -5.79 -8.08 -17.42
N LEU B 62 -7.01 -8.56 -17.23
CA LEU B 62 -7.98 -7.88 -16.39
C LEU B 62 -8.50 -8.79 -15.28
N ARG B 63 -8.71 -8.18 -14.12
CA ARG B 63 -9.16 -8.93 -12.95
CA ARG B 63 -9.16 -8.93 -12.95
C ARG B 63 -10.58 -9.44 -13.16
N ASN B 64 -10.81 -10.70 -12.82
CA ASN B 64 -12.15 -11.25 -12.88
C ASN B 64 -13.04 -10.54 -11.87
N GLY B 65 -14.29 -10.33 -12.26
CA GLY B 65 -15.21 -9.60 -11.42
C GLY B 65 -15.19 -8.11 -11.63
N SER B 66 -14.23 -7.58 -12.38
CA SER B 66 -14.17 -6.15 -12.60
C SER B 66 -15.29 -5.69 -13.54
N ALA B 67 -15.77 -4.47 -13.30
CA ALA B 67 -16.76 -3.88 -14.18
C ALA B 67 -16.23 -3.75 -15.60
N THR B 68 -14.95 -3.44 -15.74
CA THR B 68 -14.38 -3.28 -17.07
C THR B 68 -14.34 -4.60 -17.82
N LEU B 69 -13.88 -5.68 -17.16
CA LEU B 69 -13.88 -6.97 -17.84
C LEU B 69 -15.29 -7.36 -18.28
N ASP B 70 -16.29 -7.13 -17.42
CA ASP B 70 -17.66 -7.47 -17.83
C ASP B 70 -18.09 -6.65 -19.02
N ALA B 71 -17.73 -5.37 -19.05
CA ALA B 71 -18.10 -4.52 -20.18
C ALA B 71 -17.39 -4.98 -21.45
N VAL B 72 -16.09 -5.25 -21.37
CA VAL B 72 -15.34 -5.77 -22.51
C VAL B 72 -15.98 -7.05 -23.04
N SER B 73 -16.34 -7.95 -22.13
CA SER B 73 -16.94 -9.21 -22.56
C SER B 73 -18.28 -9.00 -23.24
N ALA B 74 -19.08 -8.08 -22.72
CA ALA B 74 -20.40 -7.82 -23.29
C ALA B 74 -20.30 -7.13 -24.64
N THR B 75 -19.46 -6.09 -24.73
CA THR B 75 -19.31 -5.29 -25.95
C THR B 75 -18.51 -6.04 -27.01
N ARG B 76 -17.65 -6.98 -26.59
N ARG B 76 -17.64 -6.97 -26.60
CA ARG B 76 -16.68 -7.62 -27.49
CA ARG B 76 -16.70 -7.61 -27.50
C ARG B 76 -15.73 -6.62 -28.12
C ARG B 76 -15.73 -6.61 -28.12
N GLY B 77 -15.51 -5.49 -27.43
CA GLY B 77 -14.58 -4.48 -27.91
C GLY B 77 -14.13 -3.62 -26.75
N PHE B 78 -13.03 -2.92 -26.97
CA PHE B 78 -12.46 -2.08 -25.92
C PHE B 78 -11.46 -1.13 -26.55
N ALA B 79 -11.24 -0.01 -25.87
CA ALA B 79 -10.25 0.96 -26.28
C ALA B 79 -9.09 0.96 -25.28
N VAL B 80 -7.88 1.00 -25.82
CA VAL B 80 -6.66 1.14 -25.03
C VAL B 80 -6.19 2.57 -25.19
N ASN B 81 -6.28 3.36 -24.11
CA ASN B 81 -5.88 4.77 -24.11
C ASN B 81 -4.52 4.87 -23.46
N LEU B 82 -3.49 5.20 -24.23
CA LEU B 82 -2.14 5.27 -23.69
C LEU B 82 -1.92 6.66 -23.11
N LEU B 83 -1.58 6.72 -21.82
CA LEU B 83 -1.50 7.99 -21.11
C LEU B 83 -0.14 8.67 -21.35
N HIS B 84 -0.19 9.99 -21.55
CA HIS B 84 1.03 10.77 -21.63
C HIS B 84 1.41 11.25 -20.24
N ASP B 85 2.55 11.95 -20.14
CA ASP B 85 3.10 12.31 -18.83
C ASP B 85 2.28 13.33 -18.05
N GLY B 86 1.24 13.91 -18.64
CA GLY B 86 0.30 14.69 -17.86
C GLY B 86 -0.87 13.89 -17.32
N GLY B 87 -0.83 12.57 -17.44
CA GLY B 87 -1.99 11.72 -17.21
C GLY B 87 -2.06 11.01 -15.87
N ARG B 88 -1.21 11.38 -14.91
CA ARG B 88 -1.23 10.69 -13.61
C ARG B 88 -2.60 10.75 -12.95
N HIS B 89 -3.24 11.93 -12.98
CA HIS B 89 -4.56 12.04 -12.34
C HIS B 89 -5.55 11.04 -12.94
N ALA B 90 -5.55 10.91 -14.27
CA ALA B 90 -6.43 9.93 -14.90
C ALA B 90 -6.12 8.51 -14.43
N ALA B 91 -4.83 8.17 -14.33
CA ALA B 91 -4.44 6.85 -13.86
C ALA B 91 -4.93 6.61 -12.44
N GLU B 92 -4.89 7.65 -11.60
CA GLU B 92 -5.36 7.54 -10.22
C GLU B 92 -6.88 7.38 -10.19
N VAL B 93 -7.61 8.21 -10.96
CA VAL B 93 -9.06 8.08 -11.00
C VAL B 93 -9.47 6.67 -11.40
N PHE B 94 -8.83 6.13 -12.44
CA PHE B 94 -9.24 4.85 -13.00
C PHE B 94 -8.66 3.64 -12.28
N SER B 95 -7.93 3.86 -11.17
CA SER B 95 -7.49 2.77 -10.31
C SER B 95 -8.01 2.89 -8.88
N GLY B 96 -8.73 3.95 -8.55
CA GLY B 96 -9.12 4.23 -7.18
C GLY B 96 -10.57 3.91 -6.88
N PRO B 97 -10.95 4.07 -5.62
CA PRO B 97 -12.26 3.56 -5.17
C PRO B 97 -13.42 4.49 -5.47
N ASP B 98 -13.19 5.78 -5.66
CA ASP B 98 -14.30 6.73 -5.76
C ASP B 98 -15.14 6.42 -7.00
N PRO B 99 -16.45 6.62 -6.93
CA PRO B 99 -17.33 6.26 -8.04
C PRO B 99 -17.31 7.35 -9.11
N ASN B 100 -18.01 7.08 -10.20
CA ASN B 100 -18.24 8.09 -11.22
C ASN B 100 -16.93 8.54 -11.89
N ARG B 101 -16.14 7.57 -12.33
CA ARG B 101 -14.83 7.89 -12.88
C ARG B 101 -14.94 8.80 -14.10
N PHE B 102 -15.91 8.52 -14.96
CA PHE B 102 -16.01 9.28 -16.20
C PHE B 102 -16.50 10.70 -15.97
N SER B 103 -17.05 11.01 -14.79
N SER B 103 -17.04 11.01 -14.80
CA SER B 103 -17.42 12.39 -14.48
CA SER B 103 -17.42 12.39 -14.48
C SER B 103 -16.23 13.25 -14.10
C SER B 103 -16.23 13.25 -14.11
N ARG B 104 -15.05 12.66 -13.95
CA ARG B 104 -13.88 13.35 -13.43
C ARG B 104 -12.72 13.40 -14.42
N VAL B 105 -12.91 12.92 -15.65
CA VAL B 105 -11.93 13.07 -16.71
C VAL B 105 -12.64 13.57 -17.96
N GLN B 106 -11.87 14.16 -18.86
CA GLN B 106 -12.42 14.54 -20.15
C GLN B 106 -12.42 13.31 -21.04
N TRP B 107 -13.54 13.07 -21.72
CA TRP B 107 -13.60 11.96 -22.64
C TRP B 107 -14.58 12.26 -23.76
N LYS B 108 -14.43 11.52 -24.85
CA LYS B 108 -15.30 11.63 -26.00
C LYS B 108 -15.52 10.24 -26.57
N GLN B 109 -16.38 10.14 -27.57
CA GLN B 109 -16.67 8.88 -28.23
C GLN B 109 -16.51 9.06 -29.73
N CYS B 110 -15.72 8.19 -30.35
CA CYS B 110 -15.77 8.07 -31.81
C CYS B 110 -16.97 7.21 -32.18
N ARG B 111 -17.12 6.91 -33.48
CA ARG B 111 -18.34 6.27 -33.96
C ARG B 111 -18.60 4.94 -33.25
N SER B 112 -17.55 4.22 -32.85
CA SER B 112 -17.75 2.93 -32.19
C SER B 112 -18.41 3.07 -30.82
N GLY B 113 -18.36 4.25 -30.23
CA GLY B 113 -18.90 4.47 -28.90
C GLY B 113 -17.93 4.19 -27.78
N LEU B 114 -16.75 3.66 -28.08
CA LEU B 114 -15.79 3.37 -27.03
C LEU B 114 -15.27 4.67 -26.44
N PRO B 115 -15.17 4.78 -25.12
CA PRO B 115 -14.68 6.03 -24.52
C PRO B 115 -13.20 6.27 -24.80
N TRP B 116 -12.89 7.50 -25.20
CA TRP B 116 -11.54 7.95 -25.50
C TRP B 116 -11.19 9.08 -24.54
N LEU B 117 -10.08 8.92 -23.82
CA LEU B 117 -9.64 9.91 -22.83
C LEU B 117 -8.83 10.96 -23.59
N SER B 118 -9.53 11.99 -24.08
CA SER B 118 -8.97 12.88 -25.08
C SER B 118 -7.88 13.80 -24.54
N LYS B 119 -7.95 14.18 -23.27
CA LYS B 119 -7.00 15.10 -22.68
C LYS B 119 -5.78 14.41 -22.08
N ASP B 120 -5.96 13.20 -21.56
CA ASP B 120 -4.93 12.53 -20.80
C ASP B 120 -4.16 11.47 -21.59
N ALA B 121 -4.65 11.07 -22.76
CA ALA B 121 -4.00 10.06 -23.58
C ALA B 121 -3.43 10.68 -24.85
N PHE B 122 -2.26 10.18 -25.27
CA PHE B 122 -1.69 10.57 -26.55
C PHE B 122 -2.04 9.61 -27.68
N ALA B 123 -2.60 8.44 -27.37
CA ALA B 123 -2.96 7.48 -28.39
C ALA B 123 -4.12 6.64 -27.89
N VAL B 124 -4.99 6.24 -28.80
N VAL B 124 -4.97 6.21 -28.82
CA VAL B 124 -6.09 5.32 -28.51
CA VAL B 124 -6.07 5.31 -28.53
C VAL B 124 -6.15 4.27 -29.60
C VAL B 124 -6.13 4.26 -29.61
N ALA B 125 -6.21 3.00 -29.20
CA ALA B 125 -6.37 1.87 -30.09
C ALA B 125 -7.74 1.27 -29.80
N GLU B 126 -8.61 1.23 -30.79
CA GLU B 126 -9.89 0.56 -30.68
CA GLU B 126 -9.89 0.57 -30.68
C GLU B 126 -9.72 -0.88 -31.11
N CYS B 127 -10.15 -1.81 -30.26
CA CYS B 127 -9.89 -3.23 -30.41
C CYS B 127 -11.17 -4.05 -30.40
N ARG B 128 -11.16 -5.13 -31.19
CA ARG B 128 -12.17 -6.16 -31.14
C ARG B 128 -11.63 -7.33 -30.31
N VAL B 129 -12.44 -7.86 -29.41
CA VAL B 129 -12.06 -9.05 -28.66
C VAL B 129 -11.98 -10.22 -29.62
N SER B 130 -10.79 -10.80 -29.74
CA SER B 130 -10.55 -11.93 -30.62
C SER B 130 -10.36 -13.22 -29.85
N GLY B 131 -10.33 -13.16 -28.52
CA GLY B 131 -10.23 -14.35 -27.71
C GLY B 131 -9.98 -13.97 -26.27
N THR B 132 -10.18 -14.90 -25.35
CA THR B 132 -9.91 -14.71 -23.94
C THR B 132 -9.37 -16.01 -23.37
N GLN B 133 -8.55 -15.88 -22.32
CA GLN B 133 -7.98 -17.03 -21.63
C GLN B 133 -7.94 -16.73 -20.14
N GLU B 134 -8.68 -17.50 -19.35
CA GLU B 134 -8.65 -17.28 -17.90
C GLU B 134 -7.32 -17.80 -17.34
N VAL B 135 -6.84 -17.09 -16.32
CA VAL B 135 -5.62 -17.46 -15.61
C VAL B 135 -5.74 -17.03 -14.16
N GLY B 136 -5.90 -17.99 -13.26
CA GLY B 136 -6.16 -17.63 -11.87
C GLY B 136 -7.39 -16.73 -11.76
N ASP B 137 -7.22 -15.60 -11.07
CA ASP B 137 -8.29 -14.63 -10.89
C ASP B 137 -8.29 -13.54 -11.95
N HIS B 138 -7.62 -13.76 -13.08
CA HIS B 138 -7.60 -12.80 -14.15
C HIS B 138 -8.02 -13.47 -15.46
N THR B 139 -8.28 -12.62 -16.45
CA THR B 139 -8.58 -13.05 -17.81
C THR B 139 -7.68 -12.28 -18.77
N VAL B 140 -6.92 -13.00 -19.57
CA VAL B 140 -6.18 -12.38 -20.66
C VAL B 140 -7.16 -12.14 -21.79
N VAL B 141 -7.21 -10.92 -22.30
CA VAL B 141 -8.11 -10.54 -23.38
C VAL B 141 -7.26 -10.18 -24.59
N PHE B 142 -7.47 -10.88 -25.70
CA PHE B 142 -6.80 -10.56 -26.95
C PHE B 142 -7.64 -9.56 -27.73
N GLY B 143 -6.99 -8.50 -28.20
CA GLY B 143 -7.67 -7.44 -28.90
C GLY B 143 -7.03 -7.20 -30.24
N GLU B 144 -7.78 -7.49 -31.31
CA GLU B 144 -7.32 -7.16 -32.65
C GLU B 144 -7.60 -5.68 -32.88
N VAL B 145 -6.57 -4.95 -33.26
CA VAL B 145 -6.66 -3.49 -33.33
C VAL B 145 -7.32 -3.09 -34.63
N ALA B 146 -8.47 -2.44 -34.54
CA ALA B 146 -9.25 -2.00 -35.67
C ALA B 146 -8.86 -0.61 -36.15
N ARG B 147 -8.55 0.30 -35.22
CA ARG B 147 -8.28 1.68 -35.57
C ARG B 147 -7.35 2.26 -34.50
N ILE B 148 -6.45 3.14 -34.93
CA ILE B 148 -5.55 3.85 -34.04
C ILE B 148 -5.60 5.35 -34.35
N ALA B 149 -5.62 6.16 -33.30
CA ALA B 149 -5.40 7.60 -33.40
C ALA B 149 -4.28 7.94 -32.44
N GLN B 150 -3.24 8.58 -32.94
CA GLN B 150 -2.04 8.84 -32.15
C GLN B 150 -1.59 10.27 -32.40
N THR B 151 -1.15 10.92 -31.33
CA THR B 151 -0.57 12.26 -31.37
C THR B 151 0.76 12.22 -30.63
N ASP B 152 1.55 13.28 -30.80
CA ASP B 152 2.81 13.39 -30.09
C ASP B 152 2.55 13.47 -28.59
N GLY B 153 3.46 12.89 -27.83
CA GLY B 153 3.36 12.94 -26.39
C GLY B 153 4.46 12.11 -25.78
N THR B 154 4.77 12.44 -24.53
CA THR B 154 5.74 11.66 -23.80
C THR B 154 5.00 10.64 -22.97
N PRO B 155 5.29 9.34 -23.11
CA PRO B 155 4.53 8.35 -22.36
C PRO B 155 4.72 8.48 -20.86
N LEU B 156 3.63 8.31 -20.14
CA LEU B 156 3.68 8.11 -18.70
C LEU B 156 4.25 6.72 -18.42
N LEU B 157 5.03 6.61 -17.36
CA LEU B 157 5.56 5.33 -16.92
C LEU B 157 5.10 5.03 -15.50
N TYR B 158 5.10 3.75 -15.19
CA TYR B 158 4.93 3.30 -13.82
C TYR B 158 5.92 2.18 -13.57
N GLY B 159 6.68 2.29 -12.48
CA GLY B 159 7.64 1.26 -12.12
C GLY B 159 8.10 1.48 -10.69
N LEU B 160 8.50 0.40 -10.03
N LEU B 160 8.48 0.40 -10.01
CA LEU B 160 8.99 0.47 -8.65
CA LEU B 160 9.02 0.50 -8.66
C LEU B 160 8.05 1.34 -7.80
C LEU B 160 8.06 1.21 -7.71
N ARG B 161 6.76 1.06 -7.96
CA ARG B 161 5.70 1.68 -7.16
C ARG B 161 5.65 3.19 -7.27
N SER B 162 6.02 3.73 -8.43
N SER B 162 6.03 3.73 -8.44
CA SER B 162 5.99 5.16 -8.62
CA SER B 162 6.07 5.17 -8.65
C SER B 162 5.71 5.50 -10.08
C SER B 162 5.71 5.49 -10.09
N PHE B 163 5.13 6.68 -10.28
CA PHE B 163 4.96 7.23 -11.61
C PHE B 163 6.24 7.92 -12.04
N ALA B 164 6.48 7.90 -13.34
CA ALA B 164 7.60 8.62 -13.93
C ALA B 164 7.23 8.93 -15.37
N ALA B 165 8.12 9.58 -16.08
CA ALA B 165 7.91 9.95 -17.47
C ALA B 165 9.05 9.37 -18.30
N TRP B 166 8.73 8.95 -19.51
CA TRP B 166 9.76 8.46 -20.41
C TRP B 166 10.85 9.51 -20.55
N PRO B 167 12.12 9.17 -20.31
CA PRO B 167 13.15 10.21 -20.26
C PRO B 167 13.63 10.64 -21.63
N LEU B 168 14.15 11.87 -21.69
CA LEU B 168 14.67 12.40 -22.95
C LEU B 168 15.84 11.56 -23.43
N PRO B 169 16.10 11.52 -24.74
CA PRO B 169 17.22 10.73 -25.28
C PRO B 169 18.57 11.39 -25.05
N VAL C 10 -24.96 14.61 10.50
CA VAL C 10 -23.88 15.52 10.14
C VAL C 10 -22.52 14.82 10.33
N THR C 11 -21.65 14.95 9.32
CA THR C 11 -20.40 14.21 9.27
C THR C 11 -19.32 15.14 8.75
N THR C 12 -18.16 15.15 9.41
CA THR C 12 -17.05 15.97 8.95
C THR C 12 -16.40 15.36 7.71
N GLU C 13 -15.72 16.21 6.93
CA GLU C 13 -15.02 15.74 5.75
C GLU C 13 -13.68 15.09 6.15
N GLN C 14 -13.18 14.23 5.26
CA GLN C 14 -11.98 13.46 5.59
C GLN C 14 -10.76 14.36 5.77
N GLN C 15 -10.61 15.40 4.95
CA GLN C 15 -9.44 16.27 5.08
C GLN C 15 -9.45 17.00 6.42
N HIS C 16 -10.61 17.46 6.85
CA HIS C 16 -10.68 18.13 8.15
C HIS C 16 -10.30 17.17 9.26
N TYR C 17 -10.70 15.89 9.13
CA TYR C 17 -10.32 14.89 10.12
C TYR C 17 -8.83 14.60 10.10
N ARG C 18 -8.24 14.45 8.92
N ARG C 18 -8.24 14.48 8.92
CA ARG C 18 -6.80 14.30 8.84
CA ARG C 18 -6.79 14.29 8.85
C ARG C 18 -6.09 15.46 9.52
C ARG C 18 -6.05 15.46 9.47
N ASP C 19 -6.55 16.68 9.25
CA ASP C 19 -5.91 17.86 9.85
C ASP C 19 -6.00 17.83 11.37
N LEU C 20 -7.15 17.41 11.89
CA LEU C 20 -7.33 17.27 13.34
C LEU C 20 -6.35 16.24 13.91
N MET C 21 -6.37 15.03 13.36
CA MET C 21 -5.60 13.96 13.97
C MET C 21 -4.11 14.18 13.78
N SER C 22 -3.71 14.90 12.72
N SER C 22 -3.72 14.89 12.72
CA SER C 22 -2.31 15.24 12.54
CA SER C 22 -2.30 15.22 12.55
C SER C 22 -1.78 16.05 13.71
C SER C 22 -1.78 16.02 13.73
N ALA C 23 -2.66 16.81 14.37
CA ALA C 23 -2.27 17.68 15.47
C ALA C 23 -2.29 17.00 16.83
N PHE C 24 -2.46 15.68 16.87
CA PHE C 24 -2.28 14.87 18.08
C PHE C 24 -1.00 14.05 17.88
N PRO C 25 0.16 14.55 18.31
CA PRO C 25 1.40 13.82 18.04
C PRO C 25 1.51 12.57 18.89
N THR C 26 2.35 11.64 18.44
CA THR C 26 2.51 10.38 19.13
C THR C 26 3.96 9.90 19.00
N GLY C 27 4.29 8.92 19.82
CA GLY C 27 5.45 8.10 19.56
C GLY C 27 5.25 7.30 18.29
N ILE C 28 6.25 6.49 17.97
N ILE C 28 6.26 6.52 17.95
CA ILE C 28 6.23 5.68 16.77
CA ILE C 28 6.22 5.70 16.74
C ILE C 28 6.72 4.29 17.10
C ILE C 28 6.72 4.30 17.10
N ALA C 29 5.94 3.29 16.73
CA ALA C 29 6.36 1.90 16.85
C ALA C 29 6.49 1.28 15.46
N VAL C 30 7.26 0.21 15.39
CA VAL C 30 7.15 -0.77 14.31
C VAL C 30 6.51 -2.01 14.92
N VAL C 31 5.34 -2.37 14.42
CA VAL C 31 4.63 -3.56 14.86
C VAL C 31 5.04 -4.70 13.94
N THR C 32 5.49 -5.81 14.51
CA THR C 32 6.00 -6.92 13.73
C THR C 32 5.31 -8.23 14.09
N SER C 33 5.34 -9.14 13.14
CA SER C 33 4.85 -10.51 13.34
C SER C 33 5.45 -11.39 12.24
N LEU C 34 4.93 -12.61 12.12
CA LEU C 34 5.32 -13.55 11.10
C LEU C 34 4.11 -13.95 10.29
N ASP C 35 4.26 -14.07 8.98
CA ASP C 35 3.14 -14.55 8.17
C ASP C 35 3.09 -16.09 8.22
N ALA C 36 2.13 -16.67 7.52
CA ALA C 36 1.93 -18.11 7.62
C ALA C 36 3.16 -18.86 7.12
N GLN C 37 3.93 -18.25 6.23
CA GLN C 37 5.14 -18.83 5.67
C GLN C 37 6.35 -18.67 6.58
N GLY C 38 6.18 -18.00 7.73
CA GLY C 38 7.29 -17.74 8.63
C GLY C 38 8.11 -16.51 8.29
N VAL C 39 7.65 -15.69 7.35
CA VAL C 39 8.37 -14.53 6.86
C VAL C 39 8.04 -13.34 7.76
N PRO C 40 9.03 -12.60 8.24
N PRO C 40 9.05 -12.62 8.27
CA PRO C 40 8.72 -11.43 9.08
CA PRO C 40 8.76 -11.42 9.05
C PRO C 40 7.98 -10.37 8.30
C PRO C 40 7.94 -10.40 8.27
N ARG C 41 6.98 -9.79 8.95
CA ARG C 41 6.18 -8.69 8.41
C ARG C 41 6.09 -7.62 9.49
N GLY C 42 5.95 -6.37 9.04
CA GLY C 42 5.78 -5.30 10.01
C GLY C 42 5.44 -3.99 9.34
N MET C 43 4.99 -3.04 10.16
CA MET C 43 4.67 -1.72 9.67
C MET C 43 4.93 -0.67 10.73
N THR C 44 5.16 0.55 10.27
CA THR C 44 5.17 1.71 11.13
C THR C 44 3.77 1.98 11.64
N CYS C 45 3.66 2.22 12.95
CA CYS C 45 2.37 2.29 13.61
C CYS C 45 2.41 3.39 14.65
N SER C 46 1.44 4.30 14.56
CA SER C 46 1.29 5.37 15.53
C SER C 46 0.07 5.19 16.42
N SER C 47 -0.69 4.10 16.24
CA SER C 47 -1.94 3.90 16.95
C SER C 47 -1.78 3.06 18.21
N VAL C 48 -0.57 2.92 18.73
CA VAL C 48 -0.38 2.21 20.00
C VAL C 48 -1.08 2.97 21.11
N THR C 49 -1.97 2.28 21.84
CA THR C 49 -2.77 2.90 22.88
C THR C 49 -2.92 1.93 24.04
N SER C 50 -2.79 2.43 25.26
CA SER C 50 -3.00 1.60 26.43
C SER C 50 -4.49 1.37 26.63
N ALA C 51 -4.87 0.12 26.89
CA ALA C 51 -6.28 -0.21 27.11
C ALA C 51 -6.59 -0.41 28.60
N THR C 52 -5.86 -1.32 29.26
CA THR C 52 -6.10 -1.59 30.67
C THR C 52 -4.85 -2.19 31.28
N LEU C 53 -4.78 -2.12 32.62
CA LEU C 53 -3.73 -2.80 33.37
C LEU C 53 -4.11 -4.21 33.80
N SER C 54 -5.39 -4.60 33.74
CA SER C 54 -5.86 -5.86 34.31
C SER C 54 -6.52 -6.75 33.26
N PRO C 55 -5.76 -7.63 32.58
CA PRO C 55 -4.30 -7.75 32.59
C PRO C 55 -3.72 -6.71 31.66
N PRO C 56 -2.41 -6.48 31.69
CA PRO C 56 -1.83 -5.42 30.85
C PRO C 56 -2.14 -5.66 29.38
N THR C 57 -2.86 -4.71 28.79
CA THR C 57 -3.37 -4.84 27.43
C THR C 57 -3.27 -3.49 26.73
N LEU C 58 -2.63 -3.49 25.57
CA LEU C 58 -2.60 -2.34 24.67
C LEU C 58 -3.45 -2.67 23.44
N LEU C 59 -3.59 -1.68 22.57
CA LEU C 59 -4.21 -1.92 21.27
C LEU C 59 -3.42 -1.20 20.19
N VAL C 60 -3.56 -1.70 18.97
CA VAL C 60 -3.08 -1.05 17.77
C VAL C 60 -4.24 -1.09 16.79
N CYS C 61 -4.21 -0.20 15.81
N CYS C 61 -4.21 -0.16 15.84
CA CYS C 61 -5.24 -0.15 14.77
CA CYS C 61 -5.16 -0.10 14.73
C CYS C 61 -4.57 -0.29 13.41
C CYS C 61 -4.41 -0.37 13.45
N LEU C 62 -4.80 -1.43 12.74
CA LEU C 62 -4.11 -1.78 11.51
C LEU C 62 -5.07 -1.84 10.33
N ARG C 63 -4.57 -1.42 9.18
CA ARG C 63 -5.40 -1.37 7.98
C ARG C 63 -5.77 -2.77 7.51
N ASN C 64 -7.05 -2.96 7.19
CA ASN C 64 -7.50 -4.24 6.64
C ASN C 64 -6.81 -4.49 5.30
N GLY C 65 -6.44 -5.75 5.08
CA GLY C 65 -5.69 -6.15 3.90
C GLY C 65 -4.19 -5.94 3.99
N SER C 66 -3.69 -5.31 5.06
CA SER C 66 -2.26 -5.12 5.17
C SER C 66 -1.56 -6.44 5.49
N ALA C 67 -0.33 -6.56 4.97
CA ALA C 67 0.50 -7.72 5.29
C ALA C 67 0.69 -7.88 6.79
N THR C 68 0.82 -6.76 7.50
CA THR C 68 1.08 -6.89 8.94
C THR C 68 -0.15 -7.44 9.65
N LEU C 69 -1.34 -6.93 9.33
CA LEU C 69 -2.53 -7.46 9.97
C LEU C 69 -2.70 -8.94 9.66
N ASP C 70 -2.43 -9.33 8.41
CA ASP C 70 -2.51 -10.73 8.04
C ASP C 70 -1.56 -11.59 8.87
N ALA C 71 -0.33 -11.11 9.11
CA ALA C 71 0.62 -11.86 9.91
C ALA C 71 0.17 -11.91 11.37
N VAL C 72 -0.24 -10.77 11.91
CA VAL C 72 -0.75 -10.71 13.27
C VAL C 72 -1.88 -11.71 13.46
N SER C 73 -2.77 -11.82 12.47
CA SER C 73 -3.89 -12.75 12.59
C SER C 73 -3.44 -14.21 12.47
N ALA C 74 -2.42 -14.47 11.64
CA ALA C 74 -1.96 -15.84 11.45
C ALA C 74 -1.18 -16.34 12.67
N THR C 75 -0.38 -15.46 13.26
CA THR C 75 0.43 -15.80 14.43
C THR C 75 -0.33 -15.60 15.73
N ARG C 76 -1.35 -14.76 15.73
CA ARG C 76 -2.09 -14.42 16.95
C ARG C 76 -1.17 -13.79 18.00
N GLY C 77 -0.14 -13.11 17.52
CA GLY C 77 0.79 -12.41 18.39
C GLY C 77 1.58 -11.42 17.57
N PHE C 78 2.18 -10.46 18.25
CA PHE C 78 2.93 -9.41 17.57
C PHE C 78 3.85 -8.74 18.56
N ALA C 79 4.88 -8.09 18.04
CA ALA C 79 5.78 -7.30 18.87
C ALA C 79 5.60 -5.83 18.57
N VAL C 80 5.61 -5.01 19.62
CA VAL C 80 5.54 -3.56 19.51
C VAL C 80 6.94 -3.04 19.81
N ASN C 81 7.60 -2.50 18.78
CA ASN C 81 8.97 -2.00 18.89
C ASN C 81 8.91 -0.47 18.96
N LEU C 82 9.16 0.10 20.14
CA LEU C 82 9.12 1.55 20.30
C LEU C 82 10.42 2.16 19.80
N LEU C 83 10.32 3.08 18.85
CA LEU C 83 11.52 3.62 18.20
C LEU C 83 12.08 4.78 19.00
N HIS C 84 13.40 4.79 19.16
CA HIS C 84 14.08 5.96 19.70
C HIS C 84 14.40 6.95 18.58
N ASP C 85 15.00 8.08 18.95
CA ASP C 85 15.20 9.18 18.01
C ASP C 85 16.14 8.82 16.86
N GLY C 86 17.00 7.81 17.01
CA GLY C 86 17.76 7.36 15.88
C GLY C 86 17.01 6.50 14.89
N GLY C 87 15.71 6.28 15.11
CA GLY C 87 14.97 5.32 14.33
C GLY C 87 14.12 5.88 13.21
N ARG C 88 14.37 7.14 12.81
CA ARG C 88 13.55 7.74 11.75
C ARG C 88 13.65 6.94 10.46
N HIS C 89 14.85 6.52 10.08
CA HIS C 89 14.99 5.75 8.86
C HIS C 89 14.18 4.46 8.92
N ALA C 90 14.23 3.76 10.05
CA ALA C 90 13.41 2.57 10.21
C ALA C 90 11.92 2.90 10.03
N ALA C 91 11.47 4.02 10.60
CA ALA C 91 10.07 4.40 10.47
C ALA C 91 9.71 4.65 9.02
N GLU C 92 10.63 5.23 8.25
CA GLU C 92 10.41 5.46 6.83
C GLU C 92 10.38 4.16 6.05
N VAL C 93 11.36 3.28 6.30
CA VAL C 93 11.37 1.98 5.65
C VAL C 93 10.04 1.27 5.86
N PHE C 94 9.59 1.21 7.11
CA PHE C 94 8.41 0.41 7.46
C PHE C 94 7.08 1.12 7.18
N SER C 95 7.11 2.31 6.57
CA SER C 95 5.90 2.95 6.08
C SER C 95 5.90 3.15 4.57
N GLY C 96 6.96 2.74 3.87
CA GLY C 96 7.12 3.04 2.47
C GLY C 96 7.14 1.83 1.56
N PRO C 97 7.44 2.07 0.28
CA PRO C 97 7.32 1.02 -0.74
C PRO C 97 8.51 0.10 -0.88
N ASP C 98 9.53 0.23 -0.05
CA ASP C 98 10.71 -0.61 -0.15
C ASP C 98 10.33 -2.08 -0.05
N PRO C 99 10.89 -2.94 -0.90
CA PRO C 99 10.81 -4.38 -0.63
C PRO C 99 11.77 -4.79 0.48
N ASN C 100 11.52 -5.97 1.03
CA ASN C 100 12.39 -6.61 2.02
C ASN C 100 12.83 -5.63 3.09
N ARG C 101 11.83 -5.09 3.79
CA ARG C 101 12.07 -4.08 4.81
C ARG C 101 13.03 -4.59 5.88
N PHE C 102 12.93 -5.87 6.24
CA PHE C 102 13.78 -6.39 7.30
C PHE C 102 15.23 -6.54 6.86
N SER C 103 15.52 -6.49 5.56
CA SER C 103 16.91 -6.47 5.12
C SER C 103 17.54 -5.09 5.27
N ARG C 104 16.75 -4.08 5.61
CA ARG C 104 17.24 -2.70 5.69
C ARG C 104 17.36 -2.20 7.12
N VAL C 105 17.07 -3.03 8.11
CA VAL C 105 17.27 -2.70 9.51
C VAL C 105 17.92 -3.90 10.19
N GLN C 106 18.54 -3.65 11.34
CA GLN C 106 19.05 -4.72 12.17
C GLN C 106 17.90 -5.29 12.99
N TRP C 107 17.78 -6.61 13.01
CA TRP C 107 16.72 -7.24 13.78
C TRP C 107 17.17 -8.61 14.24
N LYS C 108 16.46 -9.11 15.25
CA LYS C 108 16.70 -10.42 15.81
C LYS C 108 15.35 -11.07 16.09
N GLN C 109 15.34 -12.40 16.13
N GLN C 109 15.33 -12.39 16.16
CA GLN C 109 14.14 -13.16 16.48
CA GLN C 109 14.10 -13.12 16.46
C GLN C 109 14.14 -13.41 17.98
C GLN C 109 14.10 -13.46 17.95
N CYS C 110 13.06 -13.01 18.64
CA CYS C 110 12.92 -13.26 20.08
C CYS C 110 12.71 -14.77 20.28
N ARG C 111 12.63 -15.19 21.56
CA ARG C 111 12.34 -16.60 21.84
C ARG C 111 11.01 -17.01 21.21
N SER C 112 10.07 -16.08 21.11
CA SER C 112 8.76 -16.32 20.54
C SER C 112 8.79 -16.44 19.03
N GLY C 113 9.91 -16.09 18.40
CA GLY C 113 9.98 -15.93 16.97
C GLY C 113 9.65 -14.54 16.46
N LEU C 114 9.15 -13.65 17.31
CA LEU C 114 8.71 -12.34 16.81
C LEU C 114 9.91 -11.46 16.47
N PRO C 115 9.83 -10.67 15.40
CA PRO C 115 10.95 -9.79 15.03
C PRO C 115 11.11 -8.59 15.97
N TRP C 116 12.34 -8.42 16.46
CA TRP C 116 12.73 -7.32 17.33
C TRP C 116 13.71 -6.44 16.58
N LEU C 117 13.43 -5.14 16.53
CA LEU C 117 14.31 -4.16 15.88
C LEU C 117 15.35 -3.70 16.91
N SER C 118 16.45 -4.45 16.99
CA SER C 118 17.36 -4.32 18.12
C SER C 118 18.17 -3.03 18.11
N LYS C 119 18.34 -2.39 16.95
CA LYS C 119 19.13 -1.17 16.88
C LYS C 119 18.30 0.09 16.95
N ASP C 120 17.09 0.07 16.40
CA ASP C 120 16.29 1.27 16.23
C ASP C 120 15.24 1.46 17.32
N ALA C 121 14.99 0.44 18.12
CA ALA C 121 13.98 0.50 19.18
C ALA C 121 14.67 0.49 20.54
N PHE C 122 14.09 1.23 21.48
CA PHE C 122 14.57 1.22 22.84
C PHE C 122 13.73 0.32 23.74
N ALA C 123 12.58 -0.14 23.25
CA ALA C 123 11.76 -1.06 24.01
C ALA C 123 11.00 -1.94 23.05
N VAL C 124 10.76 -3.18 23.46
N VAL C 124 10.74 -3.17 23.49
CA VAL C 124 9.96 -4.12 22.69
CA VAL C 124 9.95 -4.13 22.73
C VAL C 124 9.04 -4.87 23.63
C VAL C 124 9.01 -4.82 23.70
N ALA C 125 7.75 -4.94 23.30
CA ALA C 125 6.75 -5.67 24.05
C ALA C 125 6.18 -6.76 23.16
N GLU C 126 6.21 -7.99 23.64
CA GLU C 126 5.60 -9.12 22.96
C GLU C 126 4.18 -9.26 23.46
N CYS C 127 3.24 -9.35 22.52
CA CYS C 127 1.82 -9.36 22.82
C CYS C 127 1.14 -10.58 22.21
N ARG C 128 0.18 -11.13 22.95
CA ARG C 128 -0.74 -12.13 22.43
C ARG C 128 -2.01 -11.41 21.99
N VAL C 129 -2.51 -11.75 20.80
CA VAL C 129 -3.77 -11.19 20.35
C VAL C 129 -4.88 -11.74 21.24
N SER C 130 -5.57 -10.84 21.93
CA SER C 130 -6.63 -11.23 22.86
C SER C 130 -8.01 -10.90 22.33
N GLY C 131 -8.11 -10.17 21.22
CA GLY C 131 -9.37 -9.88 20.58
C GLY C 131 -9.12 -8.89 19.47
N THR C 132 -10.13 -8.75 18.60
CA THR C 132 -10.09 -7.77 17.54
C THR C 132 -11.47 -7.17 17.37
N GLN C 133 -11.51 -5.99 16.74
CA GLN C 133 -12.77 -5.33 16.42
C GLN C 133 -12.56 -4.56 15.13
N GLU C 134 -13.34 -4.90 14.10
N GLU C 134 -13.32 -4.89 14.09
CA GLU C 134 -13.29 -4.16 12.85
CA GLU C 134 -13.23 -4.15 12.84
C GLU C 134 -13.96 -2.80 13.02
C GLU C 134 -13.97 -2.82 12.96
N VAL C 135 -13.40 -1.79 12.36
CA VAL C 135 -13.99 -0.46 12.34
C VAL C 135 -13.64 0.15 11.00
N GLY C 136 -14.65 0.30 10.14
CA GLY C 136 -14.38 0.75 8.79
C GLY C 136 -13.37 -0.17 8.14
N ASP C 137 -12.34 0.41 7.53
CA ASP C 137 -11.34 -0.35 6.81
C ASP C 137 -10.14 -0.72 7.67
N HIS C 138 -10.27 -0.67 8.99
CA HIS C 138 -9.21 -1.04 9.92
C HIS C 138 -9.73 -2.08 10.90
N THR C 139 -8.79 -2.71 11.59
CA THR C 139 -9.08 -3.61 12.69
C THR C 139 -8.30 -3.14 13.90
N VAL C 140 -9.01 -2.93 15.00
CA VAL C 140 -8.38 -2.73 16.29
C VAL C 140 -7.96 -4.09 16.82
N VAL C 141 -6.68 -4.22 17.16
CA VAL C 141 -6.14 -5.47 17.67
C VAL C 141 -5.73 -5.24 19.11
N PHE C 142 -6.31 -6.03 20.01
CA PHE C 142 -5.93 -5.99 21.41
C PHE C 142 -4.77 -6.95 21.65
N GLY C 143 -3.75 -6.46 22.33
CA GLY C 143 -2.58 -7.25 22.65
C GLY C 143 -2.35 -7.31 24.14
N GLU C 144 -2.47 -8.52 24.70
CA GLU C 144 -2.10 -8.75 26.09
C GLU C 144 -0.59 -8.91 26.18
N VAL C 145 0.06 -8.02 26.92
CA VAL C 145 1.51 -7.96 26.95
C VAL C 145 2.05 -9.11 27.76
N ALA C 146 3.02 -9.83 27.19
CA ALA C 146 3.56 -11.03 27.79
C ALA C 146 5.00 -10.89 28.23
N ARG C 147 5.81 -10.13 27.50
CA ARG C 147 7.20 -9.91 27.83
C ARG C 147 7.56 -8.50 27.39
N ILE C 148 8.41 -7.83 28.16
CA ILE C 148 8.88 -6.48 27.85
C ILE C 148 10.39 -6.45 28.05
N ALA C 149 11.08 -5.86 27.08
CA ALA C 149 12.49 -5.49 27.23
C ALA C 149 12.58 -4.00 26.97
N GLN C 150 13.12 -3.25 27.91
CA GLN C 150 13.11 -1.79 27.83
C GLN C 150 14.44 -1.24 28.31
N THR C 151 14.97 -0.29 27.54
CA THR C 151 16.19 0.44 27.88
C THR C 151 15.87 1.93 27.82
N ASP C 152 16.79 2.74 28.32
CA ASP C 152 16.62 4.18 28.21
C ASP C 152 16.76 4.61 26.75
N GLY C 153 16.06 5.67 26.39
CA GLY C 153 16.17 6.22 25.06
C GLY C 153 15.20 7.36 24.90
N THR C 154 15.52 8.26 23.97
CA THR C 154 14.64 9.38 23.66
C THR C 154 13.65 8.93 22.60
N PRO C 155 12.34 8.98 22.87
CA PRO C 155 11.38 8.48 21.88
C PRO C 155 11.33 9.35 20.63
N LEU C 156 11.26 8.69 19.48
CA LEU C 156 10.88 9.33 18.25
C LEU C 156 9.41 9.76 18.32
N LEU C 157 9.10 10.89 17.70
CA LEU C 157 7.74 11.38 17.63
C LEU C 157 7.35 11.60 16.17
N TYR C 158 6.04 11.59 15.93
CA TYR C 158 5.50 12.04 14.66
C TYR C 158 4.29 12.90 14.97
N GLY C 159 4.24 14.06 14.33
CA GLY C 159 3.10 14.94 14.50
C GLY C 159 3.15 16.01 13.44
N LEU C 160 1.99 16.53 13.06
N LEU C 160 2.00 16.55 13.05
CA LEU C 160 1.92 17.59 12.07
CA LEU C 160 1.93 17.63 12.06
C LEU C 160 2.78 17.22 10.86
C LEU C 160 2.66 17.26 10.77
N ARG C 161 2.62 15.96 10.43
CA ARG C 161 3.24 15.44 9.22
C ARG C 161 4.75 15.53 9.23
N SER C 162 5.36 15.42 10.40
N SER C 162 5.37 15.42 10.40
CA SER C 162 6.80 15.54 10.54
CA SER C 162 6.82 15.49 10.48
C SER C 162 7.30 14.64 11.65
C SER C 162 7.31 14.66 11.64
N PHE C 163 8.54 14.17 11.50
CA PHE C 163 9.22 13.51 12.60
C PHE C 163 9.85 14.54 13.52
N ALA C 164 9.93 14.18 14.79
CA ALA C 164 10.62 15.00 15.78
C ALA C 164 11.09 14.06 16.87
N ALA C 165 11.70 14.64 17.91
CA ALA C 165 12.19 13.86 19.04
C ALA C 165 11.58 14.40 20.32
N TRP C 166 11.33 13.51 21.26
CA TRP C 166 10.86 13.93 22.57
C TRP C 166 11.78 15.02 23.12
N PRO C 167 11.25 16.19 23.49
CA PRO C 167 12.11 17.38 23.67
C PRO C 167 12.81 17.49 25.01
N LEU C 168 12.66 16.53 25.89
CA LEU C 168 13.31 16.60 27.18
C LEU C 168 14.39 15.54 27.29
N PRO C 169 15.49 15.82 28.01
CA PRO C 169 16.50 14.80 28.26
C PRO C 169 15.99 13.70 29.20
N VAL D 10 -12.53 -3.96 -39.96
CA VAL D 10 -11.28 -3.35 -40.40
C VAL D 10 -10.14 -3.72 -39.45
N THR D 11 -8.92 -3.67 -39.98
CA THR D 11 -7.72 -3.98 -39.23
C THR D 11 -6.72 -2.88 -39.49
N THR D 12 -6.13 -2.33 -38.44
CA THR D 12 -5.16 -1.27 -38.65
C THR D 12 -3.95 -1.81 -39.41
N GLU D 13 -3.27 -0.91 -40.13
N GLU D 13 -3.26 -0.91 -40.11
CA GLU D 13 -2.06 -1.30 -40.84
CA GLU D 13 -2.08 -1.34 -40.84
C GLU D 13 -0.96 -1.65 -39.84
C GLU D 13 -0.92 -1.61 -39.88
N GLN D 14 -0.05 -2.52 -40.28
CA GLN D 14 1.01 -2.99 -39.39
C GLN D 14 1.91 -1.86 -38.91
N GLN D 15 2.25 -0.91 -39.79
CA GLN D 15 3.15 0.15 -39.34
C GLN D 15 2.48 1.06 -38.32
N HIS D 16 1.19 1.36 -38.49
CA HIS D 16 0.50 2.16 -37.49
C HIS D 16 0.53 1.47 -36.13
N TYR D 17 0.33 0.14 -36.13
CA TYR D 17 0.41 -0.61 -34.88
C TYR D 17 1.81 -0.59 -34.29
N ARG D 18 2.83 -0.79 -35.11
CA ARG D 18 4.20 -0.68 -34.61
C ARG D 18 4.45 0.69 -33.99
N ASP D 19 4.00 1.75 -34.65
CA ASP D 19 4.22 3.10 -34.14
C ASP D 19 3.49 3.30 -32.81
N LEU D 20 2.32 2.70 -32.65
N LEU D 20 2.29 2.74 -32.67
CA LEU D 20 1.58 2.81 -31.40
CA LEU D 20 1.56 2.77 -31.41
C LEU D 20 2.29 2.05 -30.28
C LEU D 20 2.35 2.07 -30.31
N MET D 21 2.65 0.78 -30.53
CA MET D 21 3.22 -0.03 -29.45
C MET D 21 4.64 0.39 -29.10
N SER D 22 5.36 1.02 -30.04
N SER D 22 5.35 1.00 -30.05
CA SER D 22 6.68 1.54 -29.72
CA SER D 22 6.67 1.53 -29.72
C SER D 22 6.61 2.59 -28.61
C SER D 22 6.58 2.55 -28.59
N ALA D 23 5.46 3.24 -28.48
CA ALA D 23 5.26 4.28 -27.48
C ALA D 23 4.75 3.74 -26.15
N PHE D 24 4.73 2.42 -25.97
CA PHE D 24 4.46 1.80 -24.67
C PHE D 24 5.77 1.22 -24.17
N PRO D 25 6.55 1.96 -23.40
CA PRO D 25 7.86 1.46 -22.99
C PRO D 25 7.72 0.37 -21.94
N THR D 26 8.77 -0.43 -21.85
CA THR D 26 8.80 -1.53 -20.90
C THR D 26 10.22 -1.74 -20.38
N GLY D 27 10.33 -2.51 -19.31
CA GLY D 27 11.59 -3.15 -18.97
C GLY D 27 11.99 -4.13 -20.06
N ILE D 28 13.11 -4.81 -19.88
N ILE D 28 13.13 -4.77 -19.94
CA ILE D 28 13.61 -5.73 -20.88
CA ILE D 28 13.53 -5.76 -20.93
C ILE D 28 14.23 -6.93 -20.18
C ILE D 28 14.22 -6.93 -20.22
N ALA D 29 13.92 -8.12 -20.70
CA ALA D 29 14.41 -9.37 -20.13
C ALA D 29 15.10 -10.19 -21.21
N VAL D 30 15.88 -11.16 -20.76
CA VAL D 30 16.29 -12.29 -21.59
C VAL D 30 15.60 -13.51 -21.00
N VAL D 31 14.80 -14.18 -21.81
CA VAL D 31 14.14 -15.41 -21.42
C VAL D 31 15.01 -16.57 -21.87
N THR D 32 15.36 -17.45 -20.95
CA THR D 32 16.27 -18.55 -21.23
C THR D 32 15.59 -19.88 -20.88
N SER D 33 16.11 -20.94 -21.49
CA SER D 33 15.63 -22.28 -21.23
C SER D 33 16.72 -23.23 -21.69
N LEU D 34 16.47 -24.52 -21.51
CA LEU D 34 17.30 -25.57 -22.06
C LEU D 34 16.48 -26.36 -23.06
N ASP D 35 17.09 -26.77 -24.15
CA ASP D 35 16.40 -27.68 -25.04
C ASP D 35 16.49 -29.10 -24.49
N ALA D 36 15.88 -30.04 -25.20
CA ALA D 36 15.80 -31.41 -24.72
C ALA D 36 17.19 -32.00 -24.47
N GLN D 37 18.19 -31.54 -25.23
CA GLN D 37 19.56 -32.01 -25.10
C GLN D 37 20.36 -31.24 -24.06
N GLY D 38 19.75 -30.30 -23.34
CA GLY D 38 20.45 -29.55 -22.33
C GLY D 38 21.24 -28.36 -22.83
N VAL D 39 21.06 -27.97 -24.09
CA VAL D 39 21.77 -26.81 -24.63
C VAL D 39 21.01 -25.54 -24.27
N PRO D 40 21.68 -24.49 -23.80
N PRO D 40 21.68 -24.52 -23.73
CA PRO D 40 20.95 -23.28 -23.42
CA PRO D 40 20.96 -23.28 -23.41
C PRO D 40 20.45 -22.54 -24.63
C PRO D 40 20.43 -22.59 -24.65
N ARG D 41 19.23 -22.01 -24.51
CA ARG D 41 18.58 -21.22 -25.53
C ARG D 41 18.03 -19.96 -24.87
N GLY D 42 17.84 -18.90 -25.65
CA GLY D 42 17.28 -17.69 -25.07
C GLY D 42 17.06 -16.61 -26.11
N MET D 43 16.28 -15.60 -25.70
CA MET D 43 16.00 -14.47 -26.57
C MET D 43 15.71 -13.24 -25.72
N THR D 44 15.93 -12.08 -26.31
CA THR D 44 15.49 -10.83 -25.71
C THR D 44 13.97 -10.74 -25.79
N CYS D 45 13.35 -10.28 -24.69
CA CYS D 45 11.92 -10.36 -24.50
C CYS D 45 11.41 -9.12 -23.77
N SER D 46 10.46 -8.42 -24.37
CA SER D 46 9.80 -7.29 -23.73
C SER D 46 8.34 -7.57 -23.37
N SER D 47 7.86 -8.79 -23.59
CA SER D 47 6.45 -9.12 -23.40
C SER D 47 6.16 -9.69 -22.01
N VAL D 48 7.07 -9.51 -21.04
CA VAL D 48 6.83 -9.97 -19.68
C VAL D 48 5.65 -9.21 -19.10
N THR D 49 4.67 -9.96 -18.59
CA THR D 49 3.41 -9.40 -18.11
C THR D 49 2.95 -10.20 -16.91
N SER D 50 2.39 -9.52 -15.91
CA SER D 50 1.85 -10.24 -14.76
C SER D 50 0.47 -10.77 -15.09
N ALA D 51 0.22 -12.03 -14.77
CA ALA D 51 -1.08 -12.65 -14.99
C ALA D 51 -1.92 -12.69 -13.72
N THR D 52 -1.42 -13.37 -12.68
CA THR D 52 -2.18 -13.49 -11.44
C THR D 52 -1.21 -13.69 -10.29
N LEU D 53 -1.67 -13.35 -9.08
CA LEU D 53 -0.93 -13.57 -7.87
C LEU D 53 -1.19 -14.93 -7.25
N SER D 54 -2.22 -15.64 -7.71
CA SER D 54 -2.72 -16.83 -7.01
C SER D 54 -2.86 -17.99 -7.97
N PRO D 55 -1.83 -18.82 -8.11
CA PRO D 55 -0.48 -18.63 -7.57
C PRO D 55 0.27 -17.68 -8.48
N PRO D 56 1.39 -17.14 -8.00
CA PRO D 56 2.18 -16.20 -8.82
C PRO D 56 2.48 -16.70 -10.22
N THR D 57 1.92 -16.02 -11.23
CA THR D 57 2.01 -16.46 -12.62
C THR D 57 2.25 -15.23 -13.50
N LEU D 58 3.32 -15.25 -14.26
CA LEU D 58 3.56 -14.24 -15.28
C LEU D 58 3.32 -14.87 -16.64
N LEU D 59 3.41 -14.05 -17.68
CA LEU D 59 3.38 -14.58 -19.03
C LEU D 59 4.44 -13.88 -19.86
N VAL D 60 4.86 -14.58 -20.90
CA VAL D 60 5.66 -14.02 -21.98
C VAL D 60 5.01 -14.44 -23.29
N CYS D 61 5.31 -13.70 -24.35
N CYS D 61 5.27 -13.65 -24.32
CA CYS D 61 4.75 -13.97 -25.66
CA CYS D 61 4.82 -13.92 -25.68
C CYS D 61 5.91 -14.17 -26.64
C CYS D 61 6.05 -14.22 -26.51
N LEU D 62 6.10 -15.42 -27.07
CA LEU D 62 7.24 -15.83 -27.87
C LEU D 62 6.84 -16.28 -29.27
N ARG D 63 7.72 -16.00 -30.23
CA ARG D 63 7.43 -16.31 -31.62
C ARG D 63 7.45 -17.81 -31.86
N ASN D 64 6.46 -18.29 -32.61
CA ASN D 64 6.39 -19.71 -32.94
C ASN D 64 7.54 -20.13 -33.84
N GLY D 65 8.23 -21.19 -33.47
CA GLY D 65 9.40 -21.62 -34.21
C GLY D 65 10.69 -20.96 -33.79
N SER D 66 10.64 -20.06 -32.82
CA SER D 66 11.87 -19.57 -32.21
C SER D 66 12.54 -20.70 -31.45
N ALA D 67 13.86 -20.68 -31.45
CA ALA D 67 14.63 -21.68 -30.70
C ALA D 67 14.25 -21.64 -29.23
N THR D 68 14.01 -20.45 -28.69
CA THR D 68 13.66 -20.34 -27.28
C THR D 68 12.30 -20.98 -27.01
N LEU D 69 11.30 -20.67 -27.83
CA LEU D 69 10.00 -21.31 -27.62
C LEU D 69 10.10 -22.82 -27.81
N ASP D 70 10.89 -23.27 -28.79
CA ASP D 70 11.13 -24.70 -28.97
C ASP D 70 11.61 -25.33 -27.67
N ALA D 71 12.59 -24.69 -27.02
CA ALA D 71 13.14 -25.23 -25.78
C ALA D 71 12.11 -25.18 -24.66
N VAL D 72 11.39 -24.06 -24.54
CA VAL D 72 10.42 -23.89 -23.48
C VAL D 72 9.31 -24.93 -23.60
N SER D 73 8.85 -25.16 -24.83
CA SER D 73 7.77 -26.11 -25.05
C SER D 73 8.23 -27.54 -24.76
N ALA D 74 9.50 -27.84 -24.98
CA ALA D 74 10.00 -29.19 -24.78
C ALA D 74 10.23 -29.48 -23.29
N THR D 75 10.86 -28.55 -22.58
CA THR D 75 11.29 -28.80 -21.21
C THR D 75 10.35 -28.23 -20.16
N ARG D 76 9.44 -27.34 -20.55
CA ARG D 76 8.36 -26.85 -19.69
C ARG D 76 8.87 -25.95 -18.58
N GLY D 77 10.03 -25.34 -18.76
CA GLY D 77 10.53 -24.37 -17.81
C GLY D 77 11.30 -23.29 -18.54
N PHE D 78 11.40 -22.14 -17.89
CA PHE D 78 12.15 -21.01 -18.44
C PHE D 78 12.50 -20.06 -17.32
N ALA D 79 13.55 -19.27 -17.55
CA ALA D 79 13.95 -18.23 -16.61
C ALA D 79 13.74 -16.88 -17.27
N VAL D 80 13.23 -15.93 -16.49
CA VAL D 80 13.08 -14.54 -16.92
C VAL D 80 14.18 -13.76 -16.21
N ASN D 81 15.14 -13.26 -16.99
CA ASN D 81 16.26 -12.48 -16.49
C ASN D 81 15.99 -11.01 -16.77
N LEU D 82 15.67 -10.24 -15.74
CA LEU D 82 15.40 -8.82 -15.91
C LEU D 82 16.71 -8.06 -15.92
N LEU D 83 16.93 -7.26 -16.97
CA LEU D 83 18.20 -6.58 -17.17
C LEU D 83 18.24 -5.25 -16.44
N HIS D 84 19.38 -4.99 -15.81
CA HIS D 84 19.63 -3.68 -15.22
C HIS D 84 20.27 -2.76 -16.27
N ASP D 85 20.42 -1.49 -15.90
CA ASP D 85 20.83 -0.47 -16.86
C ASP D 85 22.27 -0.61 -17.33
N GLY D 86 23.05 -1.50 -16.72
CA GLY D 86 24.34 -1.86 -17.26
C GLY D 86 24.33 -3.11 -18.11
N GLY D 87 23.15 -3.63 -18.45
CA GLY D 87 23.06 -4.93 -19.08
C GLY D 87 22.57 -4.89 -20.52
N ARG D 88 22.66 -3.73 -21.16
CA ARG D 88 22.20 -3.63 -22.54
C ARG D 88 22.90 -4.64 -23.45
N HIS D 89 24.16 -4.94 -23.14
CA HIS D 89 24.90 -5.93 -23.93
C HIS D 89 24.12 -7.22 -24.09
N ALA D 90 23.51 -7.70 -23.01
CA ALA D 90 22.76 -8.96 -23.09
C ALA D 90 21.56 -8.82 -24.02
N ALA D 91 20.86 -7.67 -23.98
CA ALA D 91 19.71 -7.47 -24.84
C ALA D 91 20.13 -7.44 -26.30
N GLU D 92 21.30 -6.87 -26.60
CA GLU D 92 21.80 -6.85 -27.97
C GLU D 92 22.16 -8.25 -28.43
N VAL D 93 22.91 -9.00 -27.61
CA VAL D 93 23.32 -10.34 -27.99
C VAL D 93 22.10 -11.20 -28.27
N PHE D 94 21.12 -11.18 -27.38
CA PHE D 94 19.99 -12.08 -27.47
C PHE D 94 18.89 -11.60 -28.41
N SER D 95 19.13 -10.53 -29.16
CA SER D 95 18.26 -10.19 -30.28
C SER D 95 19.02 -10.18 -31.61
N GLY D 96 20.29 -10.56 -31.62
CA GLY D 96 21.12 -10.49 -32.79
C GLY D 96 21.46 -11.83 -33.41
N PRO D 97 22.21 -11.81 -34.51
CA PRO D 97 22.45 -13.03 -35.30
C PRO D 97 23.60 -13.92 -34.85
N ASP D 98 24.21 -13.69 -33.68
CA ASP D 98 25.32 -14.55 -33.27
C ASP D 98 24.82 -15.99 -33.12
N PRO D 99 25.53 -16.98 -33.67
CA PRO D 99 25.07 -18.37 -33.54
C PRO D 99 25.35 -19.01 -32.20
N ASN D 100 26.12 -18.36 -31.32
CA ASN D 100 26.51 -18.93 -30.04
C ASN D 100 26.37 -17.85 -28.96
N ARG D 101 25.14 -17.45 -28.70
CA ARG D 101 24.88 -16.30 -27.84
C ARG D 101 25.45 -16.49 -26.44
N PHE D 102 25.34 -17.69 -25.88
CA PHE D 102 25.76 -17.87 -24.49
C PHE D 102 27.27 -17.81 -24.31
N SER D 103 28.03 -17.90 -25.40
CA SER D 103 29.47 -17.69 -25.30
C SER D 103 29.82 -16.21 -25.25
N ARG D 104 28.87 -15.32 -25.52
CA ARG D 104 29.14 -13.89 -25.58
C ARG D 104 28.65 -13.13 -24.34
N VAL D 105 28.02 -13.82 -23.38
CA VAL D 105 27.60 -13.23 -22.13
C VAL D 105 28.14 -14.07 -20.98
N GLN D 106 28.16 -13.48 -19.80
CA GLN D 106 28.50 -14.21 -18.59
C GLN D 106 27.21 -14.80 -18.01
N TRP D 107 27.23 -16.09 -17.75
CA TRP D 107 26.02 -16.77 -17.27
C TRP D 107 26.42 -17.97 -16.42
N LYS D 108 25.47 -18.39 -15.59
CA LYS D 108 25.63 -19.54 -14.72
C LYS D 108 24.34 -20.34 -14.76
N GLN D 109 24.40 -21.58 -14.29
CA GLN D 109 23.22 -22.42 -14.22
C GLN D 109 22.70 -22.47 -12.80
N CYS D 110 21.45 -22.03 -12.61
CA CYS D 110 20.76 -22.24 -11.35
C CYS D 110 20.70 -23.75 -11.05
N ARG D 111 20.23 -24.06 -9.84
CA ARG D 111 20.07 -25.46 -9.46
C ARG D 111 19.20 -26.21 -10.46
N SER D 112 18.15 -25.55 -10.95
CA SER D 112 17.23 -26.15 -11.91
C SER D 112 17.86 -26.39 -13.27
N GLY D 113 19.08 -25.89 -13.51
CA GLY D 113 19.69 -25.96 -14.80
C GLY D 113 19.37 -24.80 -15.72
N LEU D 114 18.43 -23.94 -15.35
CA LEU D 114 18.06 -22.84 -16.23
C LEU D 114 19.19 -21.82 -16.29
N PRO D 115 19.47 -21.24 -17.46
CA PRO D 115 20.55 -20.25 -17.55
C PRO D 115 20.17 -18.92 -16.88
N TRP D 116 21.10 -18.43 -16.05
CA TRP D 116 20.97 -17.17 -15.34
C TRP D 116 22.06 -16.22 -15.86
N LEU D 117 21.66 -15.02 -16.28
CA LEU D 117 22.62 -14.04 -16.78
C LEU D 117 23.13 -13.21 -15.60
N SER D 118 24.17 -13.73 -14.95
CA SER D 118 24.60 -13.21 -13.65
C SER D 118 25.09 -11.78 -13.72
N LYS D 119 25.72 -11.38 -14.82
CA LYS D 119 26.34 -10.06 -14.89
C LYS D 119 25.39 -8.97 -15.34
N ASP D 120 24.45 -9.28 -16.23
CA ASP D 120 23.61 -8.29 -16.87
C ASP D 120 22.22 -8.15 -16.26
N ALA D 121 21.79 -9.09 -15.42
CA ALA D 121 20.45 -9.11 -14.86
C ALA D 121 20.50 -8.80 -13.37
N PHE D 122 19.50 -8.06 -12.89
CA PHE D 122 19.36 -7.82 -11.47
C PHE D 122 18.34 -8.75 -10.82
N ALA D 123 17.58 -9.49 -11.62
CA ALA D 123 16.62 -10.43 -11.08
C ALA D 123 16.45 -11.59 -12.04
N VAL D 124 16.21 -12.77 -11.49
N VAL D 124 16.22 -12.76 -11.47
CA VAL D 124 15.94 -13.95 -12.31
CA VAL D 124 15.93 -13.97 -12.23
C VAL D 124 14.80 -14.74 -11.67
C VAL D 124 14.72 -14.64 -11.61
N ALA D 125 13.73 -14.97 -12.42
CA ALA D 125 12.58 -15.74 -11.97
C ALA D 125 12.57 -17.08 -12.70
N GLU D 126 12.61 -18.17 -11.95
CA GLU D 126 12.51 -19.51 -12.52
CA GLU D 126 12.51 -19.51 -12.52
C GLU D 126 11.04 -19.89 -12.60
N CYS D 127 10.59 -20.22 -13.81
CA CYS D 127 9.19 -20.42 -14.08
C CYS D 127 8.92 -21.83 -14.59
N ARG D 128 7.77 -22.34 -14.20
CA ARG D 128 7.25 -23.62 -14.66
C ARG D 128 6.11 -23.31 -15.63
N VAL D 129 6.17 -23.88 -16.82
CA VAL D 129 5.11 -23.63 -17.80
C VAL D 129 3.81 -24.22 -17.27
N SER D 130 2.80 -23.38 -17.08
CA SER D 130 1.51 -23.82 -16.57
C SER D 130 0.40 -23.80 -17.63
N GLY D 131 0.68 -23.26 -18.80
CA GLY D 131 -0.26 -23.26 -19.90
C GLY D 131 0.31 -22.49 -21.05
N THR D 132 -0.30 -22.67 -22.22
CA THR D 132 0.07 -21.92 -23.41
C THR D 132 -1.18 -21.58 -24.20
N GLN D 133 -1.12 -20.48 -24.94
CA GLN D 133 -2.20 -20.09 -25.85
C GLN D 133 -1.58 -19.49 -27.10
N GLU D 134 -1.80 -20.13 -28.24
CA GLU D 134 -1.34 -19.57 -29.50
C GLU D 134 -2.14 -18.34 -29.87
N VAL D 135 -1.45 -17.37 -30.46
CA VAL D 135 -2.07 -16.16 -30.97
C VAL D 135 -1.30 -15.76 -32.23
N GLY D 136 -1.89 -16.00 -33.40
CA GLY D 136 -1.19 -15.72 -34.64
C GLY D 136 0.10 -16.51 -34.70
N ASP D 137 1.20 -15.82 -34.99
CA ASP D 137 2.50 -16.45 -35.10
C ASP D 137 3.29 -16.45 -33.79
N HIS D 138 2.62 -16.21 -32.66
CA HIS D 138 3.22 -16.26 -31.34
C HIS D 138 2.46 -17.22 -30.44
N THR D 139 3.08 -17.52 -29.30
CA THR D 139 2.44 -18.29 -28.24
C THR D 139 2.61 -17.52 -26.93
N VAL D 140 1.50 -17.30 -26.25
CA VAL D 140 1.52 -16.82 -24.87
C VAL D 140 1.88 -18.02 -23.99
N VAL D 141 2.94 -17.86 -23.20
CA VAL D 141 3.40 -18.91 -22.29
C VAL D 141 3.18 -18.40 -20.88
N PHE D 142 2.39 -19.14 -20.11
CA PHE D 142 2.15 -18.81 -18.72
C PHE D 142 3.20 -19.50 -17.88
N GLY D 143 3.83 -18.73 -16.99
CA GLY D 143 4.84 -19.29 -16.14
C GLY D 143 4.55 -19.07 -14.67
N GLU D 144 4.27 -20.15 -13.95
CA GLU D 144 4.18 -20.09 -12.49
C GLU D 144 5.58 -19.94 -11.92
N VAL D 145 5.76 -18.96 -11.04
CA VAL D 145 7.09 -18.57 -10.59
C VAL D 145 7.47 -19.42 -9.39
N ALA D 146 8.45 -20.31 -9.59
CA ALA D 146 8.86 -21.23 -8.55
C ALA D 146 9.84 -20.58 -7.59
N ARG D 147 10.71 -19.72 -8.09
CA ARG D 147 11.83 -19.19 -7.33
C ARG D 147 12.24 -17.86 -7.93
N ILE D 148 12.64 -16.92 -7.08
CA ILE D 148 13.16 -15.64 -7.52
C ILE D 148 14.46 -15.36 -6.76
N ALA D 149 15.45 -14.86 -7.48
CA ALA D 149 16.61 -14.21 -6.91
C ALA D 149 16.60 -12.78 -7.43
N GLN D 150 16.66 -11.82 -6.53
CA GLN D 150 16.57 -10.42 -6.94
C GLN D 150 17.49 -9.57 -6.09
N THR D 151 18.17 -8.63 -6.73
CA THR D 151 19.03 -7.68 -6.06
C THR D 151 18.61 -6.27 -6.47
N ASP D 152 19.11 -5.28 -5.75
CA ASP D 152 18.80 -3.91 -6.10
C ASP D 152 19.46 -3.58 -7.43
N GLY D 153 18.82 -2.68 -8.17
CA GLY D 153 19.32 -2.33 -9.48
C GLY D 153 18.36 -1.44 -10.22
N THR D 154 18.90 -0.63 -11.12
CA THR D 154 18.09 0.26 -11.92
C THR D 154 17.66 -0.48 -13.18
N PRO D 155 16.36 -0.70 -13.40
CA PRO D 155 15.95 -1.44 -14.59
C PRO D 155 16.35 -0.74 -15.87
N LEU D 156 16.75 -1.55 -16.85
CA LEU D 156 16.90 -1.09 -18.22
C LEU D 156 15.51 -1.00 -18.86
N LEU D 157 15.31 0.04 -19.67
CA LEU D 157 14.05 0.22 -20.38
C LEU D 157 14.29 0.15 -21.88
N TYR D 158 13.25 -0.22 -22.60
CA TYR D 158 13.20 -0.09 -24.05
C TYR D 158 11.88 0.54 -24.43
N GLY D 159 11.95 1.59 -25.23
CA GLY D 159 10.78 2.31 -25.66
C GLY D 159 11.17 3.23 -26.78
N LEU D 160 10.23 3.54 -27.67
N LEU D 160 10.23 3.55 -27.66
CA LEU D 160 10.48 4.43 -28.79
CA LEU D 160 10.49 4.44 -28.78
C LEU D 160 11.75 4.01 -29.54
C LEU D 160 11.77 4.02 -29.51
N ARG D 161 11.95 2.71 -29.67
CA ARG D 161 13.04 2.14 -30.45
C ARG D 161 14.41 2.53 -29.89
N SER D 162 14.51 2.60 -28.57
N SER D 162 14.50 2.64 -28.56
CA SER D 162 15.75 3.01 -27.93
CA SER D 162 15.72 3.06 -27.90
C SER D 162 15.79 2.46 -26.52
C SER D 162 15.80 2.41 -26.53
N PHE D 163 17.02 2.28 -26.01
CA PHE D 163 17.25 1.90 -24.64
C PHE D 163 17.38 3.14 -23.76
N ALA D 164 16.90 3.02 -22.52
CA ALA D 164 17.05 4.07 -21.53
C ALA D 164 17.09 3.42 -20.16
N ALA D 165 17.56 4.16 -19.18
CA ALA D 165 17.54 3.73 -17.79
C ALA D 165 16.27 4.23 -17.12
N TRP D 166 15.69 3.38 -16.28
CA TRP D 166 14.62 3.86 -15.42
C TRP D 166 15.09 5.11 -14.69
N PRO D 167 14.34 6.22 -14.75
CA PRO D 167 14.91 7.51 -14.33
C PRO D 167 14.94 7.78 -12.84
N LEU D 168 14.18 7.07 -12.03
CA LEU D 168 14.20 7.50 -10.64
C LEU D 168 15.32 6.81 -9.86
N PRO D 169 15.81 7.44 -8.78
CA PRO D 169 16.88 6.89 -7.94
C PRO D 169 16.70 5.41 -7.61
PA FAD E . -14.08 10.09 38.20
O1A FAD E . -12.95 9.26 38.76
O2A FAD E . -15.45 9.54 38.07
O5B FAD E . -14.18 11.47 39.05
C5B FAD E . -13.08 12.23 39.48
C4B FAD E . -13.41 12.74 40.90
O4B FAD E . -14.74 13.29 40.94
C3B FAD E . -13.39 11.63 41.95
O3B FAD E . -12.96 12.20 43.16
C2B FAD E . -14.85 11.20 41.98
O2B FAD E . -15.17 10.55 43.18
C1B FAD E . -15.59 12.53 41.79
N9A FAD E . -16.90 12.43 41.17
C8A FAD E . -17.20 11.77 40.01
N7A FAD E . -18.46 11.86 39.67
C5A FAD E . -19.02 12.61 40.65
C6A FAD E . -20.35 13.05 40.85
N6A FAD E . -21.34 12.75 40.00
N1A FAD E . -20.59 13.80 41.93
C2A FAD E . -19.59 14.09 42.76
N3A FAD E . -18.31 13.73 42.68
C4A FAD E . -18.09 12.99 41.59
N1 FAD E . -8.14 8.17 32.07
C2 FAD E . -8.81 7.44 31.13
O2 FAD E . -9.80 6.78 31.38
N3 FAD E . -8.32 7.45 29.83
C4 FAD E . -7.21 8.13 29.37
O4 FAD E . -6.84 8.10 28.22
C4X FAD E . -6.50 8.92 30.42
N5 FAD E . -5.44 9.59 30.08
C5X FAD E . -4.78 10.32 31.03
C6 FAD E . -3.62 11.06 30.71
C7 FAD E . -2.92 11.81 31.63
C7M FAD E . -1.68 12.58 31.28
C8 FAD E . -3.41 11.80 32.97
C8M FAD E . -2.73 12.57 34.05
C9 FAD E . -4.54 11.08 33.30
C9A FAD E . -5.27 10.33 32.37
N10 FAD E . -6.41 9.59 32.69
C10 FAD E . -7.06 8.87 31.75
C1' FAD E . -6.98 9.61 34.05
C2' FAD E . -8.17 10.61 34.09
O2' FAD E . -7.89 11.86 33.48
C3' FAD E . -8.65 10.89 35.54
O3' FAD E . -8.97 9.65 36.12
C4' FAD E . -9.85 11.87 35.59
O4' FAD E . -9.83 12.52 36.86
C5' FAD E . -11.20 11.18 35.37
O5' FAD E . -12.22 12.13 35.51
P FAD E . -13.80 11.72 35.66
O1P FAD E . -14.48 12.90 36.27
O2P FAD E . -14.32 11.06 34.42
O3P FAD E . -13.64 10.46 36.68
H51A FAD E . -12.93 12.98 38.88
H52A FAD E . -12.27 11.70 39.49
H4B FAD E . -12.80 13.46 41.10
H3B FAD E . -12.82 10.89 41.69
HO3A FAD E . -13.42 12.90 43.30
H2B FAD E . -15.00 10.64 41.21
HO2A FAD E . -15.22 11.13 43.81
H1B FAD E . -15.75 12.94 42.65
H8A FAD E . -16.55 11.32 39.53
H61A FAD E . -21.99 13.30 39.88
H62A FAD E . -21.34 12.02 39.55
H2A FAD E . -19.82 14.61 43.50
HN3 FAD E . -8.75 6.99 29.26
H6 FAD E . -3.33 11.04 29.82
HM71 FAD E . -1.69 12.83 30.34
HM72 FAD E . -0.88 12.07 31.45
HM73 FAD E . -1.62 13.40 31.79
HM81 FAD E . -2.61 13.50 33.80
HM82 FAD E . -3.23 12.56 34.88
HM83 FAD E . -1.84 12.21 34.25
H9 FAD E . -4.82 11.12 34.19
H1'1 FAD E . -6.28 9.87 34.67
H1'2 FAD E . -7.26 8.72 34.28
H2' FAD E . -8.83 10.11 33.59
HO2' FAD E . -8.06 11.76 32.65
H3' FAD E . -7.92 11.31 36.02
H4' FAD E . -9.70 12.48 34.86
HO4' FAD E . -10.50 13.03 36.98
H5'1 FAD E . -11.33 10.46 36.01
H5'2 FAD E . -11.23 10.78 34.49
PA NAI F . 2.28 5.97 35.17
O1A NAI F . 3.61 5.32 35.28
O2A NAI F . 1.26 5.84 36.26
O5B NAI F . 1.54 5.44 33.80
C5B NAI F . 2.32 5.25 32.65
C4B NAI F . 1.47 4.88 31.47
O4B NAI F . 0.85 3.60 31.69
C3B NAI F . 0.30 5.83 31.23
O3B NAI F . 0.75 6.95 30.53
C2B NAI F . -0.57 4.89 30.40
O2B NAI F . -0.13 4.78 29.08
C1B NAI F . -0.44 3.56 31.15
N9A NAI F . -1.45 3.41 32.17
C8A NAI F . -1.34 3.81 33.48
N7A NAI F . -2.40 3.58 34.19
C5A NAI F . -3.27 3.00 33.33
C6A NAI F . -4.58 2.53 33.50
N6A NAI F . -5.23 2.58 34.67
N1A NAI F . -5.20 2.00 32.44
C2A NAI F . -4.54 1.96 31.28
N3A NAI F . -3.31 2.37 31.00
C4A NAI F . -2.70 2.89 32.06
O3 NAI F . 2.56 7.54 34.83
PN NAI F . 1.76 8.69 33.99
O1N NAI F . 1.82 8.39 32.53
O2N NAI F . 2.28 9.97 34.57
O5D NAI F . 0.18 8.49 34.40
C5D NAI F . -0.21 8.89 35.68
C4D NAI F . -1.61 8.38 35.97
O4D NAI F . -2.60 8.87 35.06
C3D NAI F . -1.69 6.86 35.85
O3D NAI F . -1.19 6.27 37.03
C2D NAI F . -3.22 6.72 35.74
O2D NAI F . -3.91 6.82 36.95
C1D NAI F . -3.59 7.91 34.85
N1N NAI F . -3.72 7.54 33.46
C2N NAI F . -4.73 6.74 33.04
C3N NAI F . -4.86 6.24 31.79
C7N NAI F . -6.00 5.37 31.49
O7N NAI F . -6.18 4.85 30.38
N7N NAI F . -6.85 5.16 32.52
C4N NAI F . -3.92 6.64 30.69
C5N NAI F . -2.80 7.47 31.26
C6N NAI F . -2.80 7.95 32.50
H51A NAI F . 2.98 4.56 32.81
H52A NAI F . 2.81 6.07 32.44
H4B NAI F . 2.03 4.84 30.67
H3B NAI F . -0.14 6.12 32.05
HO3A NAI F . 0.07 7.31 30.16
H2B NAI F . -1.50 5.16 30.46
HO2A NAI F . -0.44 4.07 28.73
H1B NAI F . -0.53 2.80 30.56
H8A NAI F . -0.56 4.20 33.81
H61A NAI F . -4.87 2.24 35.37
H62A NAI F . -5.99 2.97 34.73
H2A NAI F . -5.01 1.60 30.58
H51N NAI F . -0.22 9.86 35.77
H52N NAI F . 0.37 8.54 36.37
H4D NAI F . -1.85 8.69 36.86
H3D NAI F . -1.23 6.51 35.08
HO3N NAI F . -1.53 5.49 37.09
H2D NAI F . -3.40 5.89 35.26
HO2N NAI F . -3.51 7.38 37.44
H1D NAI F . -4.45 8.28 35.10
H2N NAI F . -5.37 6.53 33.69
H71N NAI F . -6.73 5.53 33.29
H72N NAI F . -7.55 4.69 32.45
H4N NAI F . -4.38 7.14 30.00
H42N NAI F . -3.55 5.87 30.23
H5N NAI F . -2.08 7.66 30.72
H6N NAI F . -2.18 8.59 32.76
PA FAD G . -14.23 -2.89 -10.16
PA FAD G . -14.35 -2.53 -9.98
O1A FAD G . -15.54 -3.36 -10.74
O1A FAD G . -15.32 -3.39 -10.75
O2A FAD G . -13.50 -3.72 -9.14
O2A FAD G . -13.33 -3.15 -9.08
O5B FAD G . -14.56 -1.38 -9.63
O5B FAD G . -15.31 -1.48 -9.16
C5B FAD G . -15.87 -0.90 -9.88
C5B FAD G . -16.27 -0.73 -9.85
C4B FAD G . -16.07 0.49 -9.27
C4B FAD G . -16.65 0.50 -9.03
O4B FAD G . -15.89 0.39 -7.86
O4B FAD G . -16.16 0.31 -7.69
C3B FAD G . -15.14 1.58 -9.81
C3B FAD G . -16.06 1.83 -9.52
O3B FAD G . -15.94 2.52 -10.48
O3B FAD G . -16.96 2.87 -9.18
C2B FAD G . -14.50 2.18 -8.57
C2B FAD G . -14.77 1.92 -8.69
O2B FAD G . -14.76 3.56 -8.51
O2B FAD G . -14.33 3.24 -8.58
C1B FAD G . -15.07 1.41 -7.38
C1B FAD G . -15.23 1.30 -7.36
N9A FAD G . -14.04 0.82 -6.54
N9A FAD G . -14.18 0.73 -6.56
C8A FAD G . -12.86 0.24 -6.97
C8A FAD G . -12.99 0.20 -7.00
N7A FAD G . -12.13 -0.23 -6.01
N7A FAD G . -12.25 -0.25 -6.04
C5A FAD G . -12.83 0.06 -4.87
C5A FAD G . -12.97 -0.01 -4.90
C6A FAD G . -12.58 -0.19 -3.51
C6A FAD G . -12.73 -0.25 -3.53
N6A FAD G . -11.47 -0.80 -3.08
N6A FAD G . -11.61 -0.84 -3.09
N1A FAD G . -13.49 0.21 -2.62
N1A FAD G . -13.67 0.11 -2.64
C2A FAD G . -14.60 0.81 -3.05
C2A FAD G . -14.79 0.69 -3.09
N3A FAD G . -14.95 1.10 -4.30
N3A FAD G . -15.12 0.97 -4.34
C4A FAD G . -14.03 0.69 -5.18
C4A FAD G . -14.18 0.60 -5.20
N1 FAD G . -5.99 -4.08 -12.97
N1 FAD G . -5.76 -4.14 -12.82
C2 FAD G . -6.09 -5.05 -13.92
C2 FAD G . -5.82 -5.20 -13.68
O2 FAD G . -7.02 -5.84 -13.95
O2 FAD G . -6.70 -6.04 -13.62
N3 FAD G . -5.08 -5.12 -14.89
N3 FAD G . -4.82 -5.32 -14.65
C4 FAD G . -3.99 -4.32 -15.00
C4 FAD G . -3.76 -4.48 -14.83
O4 FAD G . -3.15 -4.43 -15.87
O4 FAD G . -2.92 -4.63 -15.69
C4X FAD G . -3.91 -3.28 -13.95
C4X FAD G . -3.73 -3.35 -13.88
N5 FAD G . -2.91 -2.45 -13.95
N5 FAD G . -2.76 -2.49 -13.97
C5X FAD G . -2.85 -1.50 -12.98
C5X FAD G . -2.74 -1.45 -13.10
C6 FAD G . -1.76 -0.60 -12.96
C6 FAD G . -1.68 -0.52 -13.21
C7 FAD G . -1.65 0.39 -12.01
C7 FAD G . -1.58 0.57 -12.38
C7M FAD G . -0.48 1.34 -12.01
C7M FAD G . -0.44 1.54 -12.52
C8 FAD G . -2.65 0.49 -11.01
C8 FAD G . -2.57 0.73 -11.37
C8M FAD G . -2.59 1.54 -9.95
C8M FAD G . -2.51 1.90 -10.43
C9 FAD G . -3.72 -0.38 -11.02
C9 FAD G . -3.60 -0.17 -11.26
C9A FAD G . -3.85 -1.39 -11.98
C9A FAD G . -3.73 -1.28 -12.11
N10 FAD G . -4.90 -2.29 -12.01
N10 FAD G . -4.74 -2.21 -12.03
C10 FAD G . -4.98 -3.24 -12.97
C10 FAD G . -4.79 -3.27 -12.90
C1' FAD G . -5.99 -2.24 -11.02
C1' FAD G . -5.80 -2.08 -11.01
C2' FAD G . -7.23 -1.55 -11.60
C2' FAD G . -7.05 -1.38 -11.54
O2' FAD G . -6.84 -0.35 -12.24
O2' FAD G . -6.69 -0.19 -12.19
C3' FAD G . -8.25 -1.29 -10.46
C3' FAD G . -8.02 -1.12 -10.36
O3' FAD G . -8.51 -2.51 -9.80
O3' FAD G . -8.13 -2.30 -9.60
C4' FAD G . -9.55 -0.66 -11.00
C4' FAD G . -9.41 -0.64 -10.84
O4' FAD G . -10.10 0.06 -9.91
O4' FAD G . -10.22 -0.42 -9.70
C5' FAD G . -10.54 -1.67 -11.58
C5' FAD G . -10.09 -1.62 -11.80
O5' FAD G . -11.59 -0.94 -12.20
O5' FAD G . -11.33 -1.10 -12.22
P FAD G . -13.03 -1.59 -12.61
P FAD G . -12.65 -2.07 -12.30
O1P FAD G . -14.02 -0.48 -12.47
O1P FAD G . -13.36 -1.76 -13.57
O2P FAD G . -12.95 -2.41 -13.86
O2P FAD G . -12.25 -3.45 -11.88
O3P FAD G . -13.16 -2.70 -11.38
O3P FAD G . -13.53 -1.58 -11.00
H51A FAD G . -16.51 -1.52 -9.49
H51A FAD G . -17.06 -1.26 -10.03
H52A FAD G . -16.03 -0.87 -10.83
H52A FAD G . -15.93 -0.46 -10.72
H4B FAD G . -16.98 0.78 -9.43
H4B FAD G . -17.61 0.58 -9.01
H3B FAD G . -14.46 1.17 -10.38
H3B FAD G . -15.87 1.80 -10.46
HO3A FAD G . -15.42 3.09 -10.86
HO3A FAD G . -16.61 3.60 -9.43
H2B FAD G . -13.56 1.95 -8.63
H2B FAD G . -14.11 1.35 -9.09
HO2A FAD G . -14.64 3.91 -9.27
HO2A FAD G . -14.30 3.59 -9.36
H1B FAD G . -15.58 2.02 -6.82
H1B FAD G . -15.63 2.00 -6.81
H8A FAD G . -12.65 0.20 -7.87
H8A FAD G . -12.78 0.17 -7.90
H61A FAD G . -11.41 -1.09 -2.28
H61A FAD G . -11.55 -1.11 -2.28
H62A FAD G . -10.80 -0.92 -3.61
H62A FAD G . -10.93 -0.95 -3.61
H2A FAD G . -15.20 1.07 -2.39
H2A FAD G . -15.40 0.92 -2.43
HN3 FAD G . -5.17 -5.75 -15.47
HN3 FAD G . -4.88 -6.00 -15.17
H6 FAD G . -1.12 -0.70 -13.63
H6 FAD G . -1.05 -0.66 -13.88
HM71 FAD G . 0.02 1.28 -12.84
HM71 FAD G . -0.06 1.51 -13.41
HM72 FAD G . 0.13 1.15 -11.29
HM72 FAD G . 0.27 1.34 -11.89
HM73 FAD G . -0.78 2.26 -11.90
HM73 FAD G . -0.73 2.45 -12.35
HM81 FAD G . -2.26 2.38 -10.30
HM81 FAD G . -2.41 2.73 -10.90
HM82 FAD G . -3.46 1.71 -9.56
HM82 FAD G . -3.31 1.97 -9.89
HM83 FAD G . -2.00 1.28 -9.22
HM83 FAD G . -1.76 1.82 -9.81
H9 FAD G . -4.36 -0.28 -10.36
H9 FAD G . -4.23 -0.01 -10.59
H1'1 FAD G . -5.67 -1.77 -10.24
H1'1 FAD G . -5.42 -1.60 -10.26
H1'2 FAD G . -6.20 -3.15 -10.76
H1'2 FAD G . -6.01 -2.98 -10.70
H2' FAD G . -7.63 -2.16 -12.23
H2' FAD G . -7.48 -1.99 -12.15
HO2' FAD G . -7.55 -0.01 -12.56
HO2' FAD G . -6.46 -0.42 -12.98
H3' FAD G . -7.83 -0.68 -9.84
H3' FAD G . -7.65 -0.41 -9.82
H4' FAD G . -9.29 -0.08 -11.74
H4' FAD G . -9.24 0.19 -11.34
HO4' FAD G . -9.56 0.59 -9.54
HO4' FAD G . -9.92 0.19 -9.20
H5'1 FAD G . -10.89 -2.24 -10.89
H5'1 FAD G . -10.23 -2.47 -11.34
H5'2 FAD G . -10.10 -2.23 -12.23
H5'2 FAD G . -9.53 -1.79 -12.56
PA NAI H . 2.55 -3.90 -5.96
PA NAI H . 2.51 -3.88 -5.95
O1A NAI H . 3.60 -4.45 -5.05
O1A NAI H . 3.88 -3.98 -5.38
O2A NAI H . 1.13 -3.90 -5.49
O2A NAI H . 1.30 -4.46 -5.26
O5B NAI H . 2.58 -4.65 -7.43
O5B NAI H . 2.52 -4.53 -7.44
C5B NAI H . 3.78 -4.86 -8.13
C5B NAI H . 3.74 -4.79 -8.10
C4B NAI H . 3.62 -5.73 -9.37
C4B NAI H . 3.51 -5.48 -9.41
O4B NAI H . 2.93 -6.93 -9.03
O4B NAI H . 3.06 -6.82 -9.19
C3B NAI H . 2.85 -5.05 -10.50
C3B NAI H . 2.42 -4.84 -10.25
O3B NAI H . 3.71 -4.73 -11.58
O3B NAI H . 2.92 -3.76 -11.00
C2B NAI H . 1.86 -6.12 -10.96
C2B NAI H . 2.12 -6.05 -11.15
O2B NAI H . 2.11 -6.63 -12.24
O2B NAI H . 3.08 -6.30 -12.15
C1B NAI H . 1.95 -7.25 -9.95
C1B NAI H . 2.09 -7.17 -10.12
N9A NAI H . 0.66 -7.41 -9.31
N9A NAI H . 0.79 -7.30 -9.52
C8A NAI H . 0.25 -6.83 -8.14
C8A NAI H . 0.31 -6.61 -8.44
N7A NAI H . -0.98 -7.13 -7.83
N7A NAI H . -0.91 -6.90 -8.11
C5A NAI H . -1.41 -7.94 -8.84
C5A NAI H . -1.29 -7.83 -9.04
C6A NAI H . -2.63 -8.60 -9.08
C6A NAI H . -2.49 -8.54 -9.22
N6A NAI H . -3.67 -8.50 -8.26
N6A NAI H . -3.55 -8.36 -8.42
N1A NAI H . -2.74 -9.33 -10.19
N1A NAI H . -2.57 -9.40 -10.23
C2A NAI H . -1.69 -9.41 -11.01
C2A NAI H . -1.50 -9.55 -11.01
N3A NAI H . -0.51 -8.86 -10.89
N3A NAI H . -0.33 -8.96 -10.94
C4A NAI H . -0.40 -8.12 -9.77
C4A NAI H . -0.26 -8.10 -9.92
O3 NAI H . 2.95 -2.39 -6.42
O3 NAI H . 2.15 -2.32 -6.26
PN NAI H . 2.26 -1.38 -7.53
PN NAI H . 2.06 -1.41 -7.61
O1N NAI H . 2.80 -1.70 -8.88
O1N NAI H . 2.85 -2.01 -8.72
O2N NAI H . 2.28 0.00 -6.97
O2N NAI H . 2.28 0.00 -7.17
O5D NAI H . 0.70 -1.92 -7.57
O5D NAI H . 0.48 -1.63 -8.05
C5D NAI H . -0.26 -1.22 -6.81
C5D NAI H . -0.50 -0.82 -7.40
C4D NAI H . -1.61 -1.91 -6.81
C4D NAI H . -1.90 -1.41 -7.48
O4D NAI H . -2.28 -1.81 -8.06
O4D NAI H . -2.28 -1.84 -8.78
C3D NAI H . -1.49 -3.41 -6.52
C3D NAI H . -2.01 -2.65 -6.59
O3D NAI H . -1.63 -3.62 -5.14
O3D NAI H . -3.30 -2.71 -6.03
C2D NAI H . -2.66 -4.00 -7.29
C2D NAI H . -1.85 -3.80 -7.59
O2D NAI H . -3.85 -4.08 -6.56
O2D NAI H . -2.48 -4.98 -7.19
C1D NAI H . -2.85 -3.02 -8.45
C1D NAI H . -2.55 -3.22 -8.83
N1N NAI H . -2.25 -3.49 -9.68
N1N NAI H . -2.12 -3.81 -10.06
C2N NAI H . -2.79 -4.51 -10.40
C2N NAI H . -2.83 -4.79 -10.64
C3N NAI H . -2.28 -4.94 -11.57
C3N NAI H . -2.42 -5.51 -11.71
C7N NAI H . -2.78 -6.20 -12.14
C7N NAI H . -3.31 -6.56 -12.22
O7N NAI H . -2.13 -6.85 -12.94
O7N NAI H . -3.07 -7.23 -13.23
N7N NAI H . -4.01 -6.60 -11.75
N7N NAI H . -4.45 -6.75 -11.51
C4N NAI H . -1.02 -4.34 -12.16
C4N NAI H . -1.18 -5.13 -12.49
C5N NAI H . -0.43 -3.36 -11.20
C5N NAI H . -0.51 -3.96 -11.82
C6N NAI H . -1.07 -2.90 -10.13
C6N NAI H . -0.94 -3.40 -10.69
H51A NAI H . 4.43 -5.28 -7.54
H51A NAI H . 4.30 -5.34 -7.53
H52A NAI H . 4.15 -4.00 -8.40
H52A NAI H . 4.21 -3.95 -8.24
H4B NAI H . 4.49 -5.96 -9.73
H4B NAI H . 4.35 -5.48 -9.91
H3B NAI H . 2.40 -4.28 -10.13
H3B NAI H . 1.66 -4.52 -9.72
HO3A NAI H . 4.49 -5.03 -11.38
HO3A NAI H . 2.97 -3.09 -10.47
H2B NAI H . 0.98 -5.73 -10.85
H2B NAI H . 1.24 -5.95 -11.53
HO2A NAI H . 2.83 -7.07 -12.23
HO2A NAI H . 3.11 -7.13 -12.29
H1B NAI H . 2.21 -8.09 -10.35
H1B NAI H . 2.30 -8.04 -10.50
H8A NAI H . 0.80 -6.28 -7.64
H8A NAI H . 0.84 -5.98 -7.99
H61A NAI H . -3.57 -8.58 -7.41
H61A NAI H . -3.45 -8.32 -7.56
H62A NAI H . -4.47 -8.35 -8.57
H62A NAI H . -4.34 -8.28 -8.75
H2A NAI H . -1.82 -9.94 -11.77
H2A NAI H . -1.61 -10.17 -11.71
H51N NAI H . -0.40 -0.32 -7.16
H51N NAI H . -0.54 0.06 -7.80
H52N NAI H . 0.02 -1.12 -5.89
H52N NAI H . -0.29 -0.71 -6.46
H4D NAI H . -2.16 -1.48 -6.13
H4D NAI H . -2.53 -0.73 -7.22
H3D NAI H . -0.64 -3.74 -6.85
H3D NAI H . -1.31 -2.65 -5.93
HO3N NAI H . -1.80 -4.45 -5.03
HO3N NAI H . -3.85 -2.45 -6.61
H2D NAI H . -2.38 -4.85 -7.65
H2D NAI H . -0.92 -3.94 -7.80
HO2N NAI H . -3.71 -4.56 -5.87
HO2N NAI H . -2.83 -5.36 -7.87
H1D NAI H . -3.80 -2.90 -8.62
H1D NAI H . -3.51 -3.36 -8.77
H2N NAI H . -3.54 -4.90 -10.03
H2N NAI H . -3.66 -4.96 -10.25
H71N NAI H . -4.47 -6.13 -11.19
H71N NAI H . -4.62 -6.29 -10.82
H72N NAI H . -4.38 -7.31 -12.04
H72N NAI H . -5.03 -7.33 -11.73
H4N NAI H . -1.20 -3.91 -13.00
H4N NAI H . -1.40 -4.89 -13.40
H42N NAI H . -0.36 -5.03 -12.36
H42N NAI H . -0.57 -5.87 -12.56
H5N NAI H . 0.44 -3.04 -11.36
H5N NAI H . 0.26 -3.61 -12.21
H6N NAI H . -0.76 -2.16 -9.65
H6N NAI H . -0.46 -2.72 -10.28
PA FAD I . 0.91 -3.53 2.90
O1A FAD I . 0.19 -2.33 2.35
O2A FAD I . 0.34 -4.90 2.85
O5B FAD I . 2.32 -3.52 2.08
C5B FAD I . 2.98 -4.75 1.90
C4B FAD I . 4.39 -4.48 1.40
O4B FAD I . 4.33 -3.87 0.10
C3B FAD I . 5.20 -3.52 2.28
O3B FAD I . 5.86 -4.27 3.25
C2B FAD I . 6.14 -2.94 1.22
O2B FAD I . 7.21 -3.79 0.95
C1B FAD I . 5.19 -2.77 0.04
N9A FAD I . 4.47 -1.52 0.01
C8A FAD I . 4.31 -0.56 0.99
N7A FAD I . 3.58 0.46 0.61
C5A FAD I . 3.23 0.15 -0.68
C6A FAD I . 2.47 0.80 -1.67
N6A FAD I . 1.88 1.98 -1.47
N1A FAD I . 2.34 0.19 -2.86
C2A FAD I . 2.92 -0.98 -3.06
N3A FAD I . 3.66 -1.68 -2.23
C4A FAD I . 3.78 -1.07 -1.06
N1 FAD I . -0.94 2.18 9.24
C2 FAD I . -1.82 1.54 10.04
O2 FAD I . -2.55 0.64 9.64
N3 FAD I . -1.88 1.93 11.38
C4 FAD I . -1.14 2.90 11.99
O4 FAD I . -1.26 3.17 13.16
C4X FAD I . -0.19 3.59 11.09
N5 FAD I . 0.58 4.54 11.56
C5X FAD I . 1.44 5.16 10.72
C6 FAD I . 2.26 6.19 11.22
C7 FAD I . 3.18 6.87 10.44
C7M FAD I . 4.01 7.97 11.04
C8 FAD I . 3.27 6.51 9.07
C8M FAD I . 4.25 7.20 8.16
C9 FAD I . 2.47 5.48 8.56
C9A FAD I . 1.54 4.79 9.36
N10 FAD I . 0.73 3.77 8.89
C10 FAD I . -0.16 3.14 9.72
C1' FAD I . 0.81 3.31 7.50
C2' FAD I . 1.68 2.04 7.40
O2' FAD I . 2.91 2.18 8.06
C3' FAD I . 1.97 1.67 5.92
O3' FAD I . 0.73 1.59 5.23
C4' FAD I . 2.75 0.35 5.75
O4' FAD I . 3.26 0.36 4.43
C5' FAD I . 1.94 -0.92 5.96
O5' FAD I . 2.83 -2.01 5.87
P FAD I . 2.31 -3.53 5.60
O1P FAD I . 3.46 -4.30 5.06
O2P FAD I . 1.49 -4.02 6.74
O3P FAD I . 1.16 -3.24 4.47
H51A FAD I . 2.50 -5.30 1.26
H52A FAD I . 3.00 -5.25 2.73
H4B FAD I . 4.85 -5.33 1.32
H3B FAD I . 4.67 -2.82 2.68
HO3A FAD I . 6.42 -3.77 3.65
H2B FAD I . 6.44 -2.07 1.55
HO2A FAD I . 7.79 -3.38 0.48
H1B FAD I . 5.68 -2.77 -0.81
H8A FAD I . 4.69 -0.65 1.83
H61A FAD I . 2.11 2.48 -0.82
H62A FAD I . 1.24 2.25 -2.00
H2A FAD I . 2.79 -1.35 -3.90
HN3 FAD I . -2.44 1.50 11.88
H6 FAD I . 2.17 6.40 12.12
HM71 FAD I . 3.89 8.04 12.00
HM72 FAD I . 3.78 8.85 10.66
HM73 FAD I . 4.96 7.83 10.87
HM81 FAD I . 5.09 7.39 8.61
HM82 FAD I . 4.45 6.68 7.38
HM83 FAD I . 3.90 8.06 7.85
H9 FAD I . 2.58 5.28 7.66
H1'1 FAD I . 1.17 4.03 6.96
H1'2 FAD I . -0.10 3.14 7.18
H2' FAD I . 1.11 1.36 7.81
HO2' FAD I . 2.76 2.01 8.88
H3' FAD I . 2.51 2.40 5.57
H4' FAD I . 3.42 0.39 6.45
HO4' FAD I . 3.09 -0.35 4.00
H5'1 FAD I . 1.23 -1.00 5.31
H5'2 FAD I . 1.52 -0.92 6.84
PA NAI J . -2.18 12.70 6.76
PA NAI J . -2.24 12.83 6.58
O1A NAI J . -2.61 14.13 6.70
O1A NAI J . -2.95 14.12 6.31
O2A NAI J . -2.50 11.72 5.67
O2A NAI J . -2.22 11.77 5.52
O5B NAI J . -2.76 12.05 8.14
O5B NAI J . -2.84 12.13 7.94
C5B NAI J . -2.92 12.79 9.30
C5B NAI J . -3.19 12.91 9.06
C4B NAI J . -3.50 11.91 10.38
C4B NAI J . -3.82 12.08 10.17
O4B NAI J . -4.80 11.45 10.03
O4B NAI J . -4.94 11.35 9.66
C3B NAI J . -2.71 10.61 10.55
C3B NAI J . -2.85 11.07 10.77
O3B NAI J . -1.57 10.88 11.31
O3B NAI J . -2.47 11.52 12.06
C2B NAI J . -3.78 9.84 11.31
C2B NAI J . -3.68 9.81 10.90
O2B NAI J . -4.02 10.24 12.62
O2B NAI J . -4.00 9.47 12.23
C1B NAI J . -5.00 10.15 10.44
C1B NAI J . -4.98 10.05 10.13
N9A NAI J . -5.11 9.25 9.32
N9A NAI J . -5.12 9.12 9.03
C8A NAI J . -4.60 9.49 8.07
C8A NAI J . -4.54 9.23 7.79
N7A NAI J . -4.82 8.51 7.23
N7A NAI J . -4.83 8.24 7.00
C5A NAI J . -5.50 7.58 7.97
C5A NAI J . -5.65 7.43 7.74
C6A NAI J . -6.03 6.32 7.64
C6A NAI J . -6.29 6.22 7.47
N6A NAI J . -5.90 5.80 6.42
N6A NAI J . -6.20 5.59 6.29
N1A NAI J . -6.67 5.63 8.59
N1A NAI J . -7.03 5.66 8.44
C2A NAI J . -6.78 6.18 9.80
C2A NAI J . -7.13 6.28 9.61
N3A NAI J . -6.33 7.35 10.22
N3A NAI J . -6.56 7.42 9.98
C4A NAI J . -5.70 8.02 9.26
C4A NAI J . -5.83 7.96 9.01
O3 NAI J . -0.57 12.73 7.00
O3 NAI J . -0.73 13.13 7.10
PN NAI J . 0.50 11.89 7.89
PN NAI J . 0.32 12.24 7.98
O1N NAI J . 0.08 11.90 9.31
O1N NAI J . -0.16 12.24 9.39
O2N NAI J . 1.86 12.37 7.52
O2N NAI J . 1.71 12.67 7.61
O5D NAI J . 0.30 10.33 7.37
O5D NAI J . 0.03 10.71 7.42
C5D NAI J . 1.13 9.88 6.30
C5D NAI J . 0.50 10.41 6.12
C4D NAI J . 0.73 8.52 5.77
C4D NAI J . 0.05 9.04 5.66
O4D NAI J . 0.57 7.53 6.80
O4D NAI J . 0.48 8.01 6.55
C3D NAI J . -0.61 8.59 5.06
C3D NAI J . -1.46 8.94 5.60
O3D NAI J . -0.62 7.68 3.99
O3D NAI J . -1.90 9.20 4.29
C2D NAI J . -1.57 8.12 6.14
C2D NAI J . -1.73 7.48 5.97
O2D NAI J . -2.75 7.56 5.62
O2D NAI J . -1.93 6.66 4.85
C1D NAI J . -0.74 7.05 6.83
C1D NAI J . -0.49 7.03 6.73
N1N NAI J . -1.14 6.79 8.18
N1N NAI J . -0.75 6.87 8.15
C2N NAI J . -1.95 5.75 8.46
C2N NAI J . -1.62 5.93 8.61
C3N NAI J . -2.56 5.56 9.64
C3N NAI J . -2.10 5.93 9.87
C7N NAI J . -3.52 4.47 9.78
C7N NAI J . -3.24 5.06 10.21
O7N NAI J . -4.12 4.28 10.85
O7N NAI J . -3.78 5.09 11.32
N7N NAI J . -3.71 3.69 8.70
N7N NAI J . -3.69 4.22 9.26
C4N NAI J . -2.23 6.43 10.83
C4N NAI J . -1.54 6.85 10.93
C5N NAI J . -1.23 7.48 10.45
C5N NAI J . -0.50 7.76 10.34
C6N NAI J . -0.74 7.62 9.22
C6N NAI J . -0.13 7.70 9.06
H51A NAI J . -3.52 13.55 9.15
H51A NAI J . -3.82 13.60 8.80
H52A NAI J . -2.08 13.18 9.60
H52A NAI J . -2.41 13.35 9.41
H4B NAI J . -3.51 12.42 11.21
H4B NAI J . -4.13 12.66 10.89
H3B NAI J . -2.44 10.18 9.72
H3B NAI J . -2.10 10.94 10.18
HO3A NAI J . -1.76 11.49 11.86
HO3A NAI J . -1.81 12.05 11.96
H2B NAI J . -3.57 8.90 11.26
H2B NAI J . -3.20 9.12 10.41
HO2A NAI J . -4.85 10.14 12.80
HO2A NAI J . -4.69 8.98 12.23
H1B NAI J . -5.84 10.06 10.94
H1B NAI J . -5.74 9.94 10.71
H8A NAI J . -4.15 10.27 7.85
H8A NAI J . -3.99 9.95 7.56
H61A NAI J . -5.80 6.30 5.74
H61A NAI J . -6.32 6.02 5.55
H62A NAI J . -5.92 4.94 6.31
H62A NAI J . -6.02 4.76 6.25
H2A NAI J . -7.24 5.67 10.44
H2A NAI J . -7.65 5.85 10.25
H51N NAI J . 2.05 9.82 6.59
H51N NAI J . 1.47 10.43 6.08
H52N NAI J . 1.10 10.50 5.57
H52N NAI J . 0.18 11.06 5.46
H4D NAI J . 1.44 8.20 5.19
H4D NAI J . 0.44 8.86 4.79
H3D NAI J . -0.79 9.50 4.77
H3D NAI J . -1.86 9.55 6.25
HO3N NAI J . -0.25 6.97 4.26
HO3N NAI J . -1.35 8.81 3.76
H2D NAI J . -1.76 8.84 6.76
H2D NAI J . -2.47 7.47 6.59
HO2N NAI J . -3.06 7.01 6.20
HO2N NAI J . -2.74 6.73 4.59
H1D NAI J . -0.80 6.21 6.35
H1D NAI J . -0.18 6.19 6.38
H2N NAI J . -2.09 5.15 7.76
H2N NAI J . -1.87 5.27 8.01
H71N NAI J . -3.28 3.84 7.98
H71N NAI J . -4.35 3.70 9.43
H72N NAI J . -4.24 3.03 8.69
H72N NAI J . -3.35 4.16 8.46
H4N NAI J . -1.89 5.90 11.57
H4N NAI J . -1.14 6.35 11.66
H42N NAI J . -3.03 6.85 11.19
H42N NAI J . -2.24 7.38 11.35
H5N NAI J . -0.93 8.07 11.11
H5N NAI J . -0.11 8.40 10.88
H6N NAI J . -0.12 8.28 9.02
H6N NAI J . 0.58 8.22 8.75
PA FAD K . 15.31 -17.82 -33.63
O1A FAD K . 14.80 -16.59 -34.31
O2A FAD K . 14.79 -19.14 -34.01
O5B FAD K . 16.92 -17.75 -33.84
C5B FAD K . 17.66 -18.91 -33.57
C4B FAD K . 19.13 -18.53 -33.56
O4B FAD K . 19.50 -18.17 -34.89
C3B FAD K . 19.43 -17.34 -32.66
O3B FAD K . 19.77 -17.79 -31.37
C2B FAD K . 20.66 -16.82 -33.38
O2B FAD K . 21.78 -17.55 -32.93
C1B FAD K . 20.34 -17.06 -34.86
N9A FAD K . 19.71 -15.94 -35.52
C8A FAD K . 18.61 -15.26 -35.09
N7A FAD K . 18.24 -14.30 -35.89
C5A FAD K . 19.14 -14.37 -36.92
C6A FAD K . 19.27 -13.62 -38.10
N6A FAD K . 18.43 -12.63 -38.40
N1A FAD K . 20.28 -13.94 -38.93
C2A FAD K . 21.08 -14.94 -38.60
N3A FAD K . 21.05 -15.71 -37.53
C4A FAD K . 20.06 -15.38 -36.72
N1 FAD K . 10.64 -11.78 -29.58
C2 FAD K . 9.59 -12.44 -29.04
O2 FAD K . 9.19 -13.50 -29.46
N3 FAD K . 8.96 -11.85 -27.94
C4 FAD K . 9.27 -10.66 -27.34
O4 FAD K . 8.66 -10.21 -26.38
C4X FAD K . 10.42 -9.96 -27.96
N5 FAD K . 10.81 -8.82 -27.46
C5X FAD K . 11.87 -8.20 -28.05
C6 FAD K . 12.32 -6.96 -27.56
C7 FAD K . 13.38 -6.27 -28.11
C7M FAD K . 13.82 -4.95 -27.53
C8 FAD K . 14.06 -6.86 -29.20
C8M FAD K . 15.24 -6.18 -29.84
C9 FAD K . 13.64 -8.09 -29.69
C9A FAD K . 12.55 -8.79 -29.15
N10 FAD K . 12.10 -10.01 -29.65
C10 FAD K . 11.04 -10.63 -29.08
C1' FAD K . 12.75 -10.68 -30.78
C2' FAD K . 13.72 -11.79 -30.32
O2' FAD K . 14.58 -11.33 -29.30
C3' FAD K . 14.58 -12.28 -31.51
O3' FAD K . 13.71 -12.68 -32.55
C4' FAD K . 15.52 -13.45 -31.16
O4' FAD K . 16.48 -13.48 -32.20
C5' FAD K . 14.85 -14.81 -31.04
O5' FAD K . 15.90 -15.73 -30.77
P FAD K . 15.72 -17.34 -30.62
O1P FAD K . 17.08 -17.90 -30.54
O2P FAD K . 14.62 -17.66 -29.66
O3P FAD K . 14.99 -17.76 -32.04
H51A FAD K . 17.49 -19.59 -34.25
H52A FAD K . 17.40 -19.28 -32.72
H4B FAD K . 19.67 -19.29 -33.30
H3B FAD K . 18.70 -16.71 -32.62
HO3A FAD K . 19.06 -18.01 -30.97
H2B FAD K . 20.72 -15.86 -33.25
HO2A FAD K . 22.47 -17.29 -33.34
H1B FAD K . 21.18 -17.21 -35.34
H8A FAD K . 18.18 -15.46 -34.29
H61A FAD K . 18.37 -12.34 -39.20
H62A FAD K . 17.95 -12.26 -37.78
H2A FAD K . 21.77 -15.12 -39.21
HN3 FAD K . 8.29 -12.29 -27.61
H6 FAD K . 11.86 -6.60 -26.83
HM71 FAD K . 13.42 -4.79 -26.67
HM72 FAD K . 13.56 -4.22 -28.12
HM73 FAD K . 14.78 -4.91 -27.42
HM81 FAD K . 15.84 -5.82 -29.17
HM82 FAD K . 15.75 -6.78 -30.38
HM83 FAD K . 14.96 -5.44 -30.40
H9 FAD K . 14.11 -8.43 -30.42
H1'1 FAD K . 13.21 -10.01 -31.30
H1'2 FAD K . 12.05 -11.06 -31.33
H2' FAD K . 13.13 -12.50 -30.01
HO2' FAD K . 14.15 -11.42 -28.57
H3' FAD K . 15.12 -11.53 -31.77
H4' FAD K . 15.88 -13.24 -30.29
HO4' FAD K . 16.14 -13.54 -32.98
H5'1 FAD K . 14.38 -15.06 -31.85
H5'2 FAD K . 14.21 -14.82 -30.31
PA NAI L . 9.40 -1.69 -34.44
PA NAI L . 9.23 -1.81 -34.24
O1A NAI L . 8.81 -0.58 -35.25
O1A NAI L . 8.72 -0.50 -34.74
O2A NAI L . 10.08 -2.82 -35.15
O2A NAI L . 9.47 -2.96 -35.18
O5B NAI L . 8.28 -2.35 -33.43
O5B NAI L . 8.30 -2.38 -33.03
C5B NAI L . 7.36 -1.53 -32.74
C5B NAI L . 7.47 -1.56 -32.28
C4B NAI L . 6.47 -2.29 -31.74
C4B NAI L . 6.63 -2.38 -31.33
O4B NAI L . 5.72 -3.30 -32.41
O4B NAI L . 5.66 -3.12 -32.07
C3B NAI L . 7.29 -2.93 -30.64
C3B NAI L . 7.46 -3.44 -30.59
O3B NAI L . 7.07 -2.25 -29.42
O3B NAI L . 8.12 -2.88 -29.48
C2B NAI L . 6.72 -4.34 -30.53
C2B NAI L . 6.28 -4.32 -30.19
O2B NAI L . 6.07 -4.58 -29.31
O2B NAI L . 5.49 -3.79 -29.16
C1B NAI L . 5.73 -4.48 -31.68
C1B NAI L . 5.49 -4.38 -31.50
N9A NAI L . 6.14 -5.58 -32.54
N9A NAI L . 6.02 -5.41 -32.36
C8A NAI L . 7.07 -5.53 -33.55
C8A NAI L . 7.04 -5.25 -33.26
N7A NAI L . 7.24 -6.66 -34.14
N7A NAI L . 7.33 -6.36 -33.88
C5A NAI L . 6.39 -7.52 -33.50
C5A NAI L . 6.46 -7.27 -33.37
C6A NAI L . 6.10 -8.89 -33.67
C6A NAI L . 6.29 -8.62 -33.63
N6A NAI L . 6.70 -9.63 -34.61
N6A NAI L . 7.03 -9.24 -34.56
N1A NAI L . 5.19 -9.45 -32.86
N1A NAI L . 5.33 -9.29 -32.95
C2A NAI L . 4.61 -8.69 -31.94
C2A NAI L . 4.62 -8.62 -32.05
N3A NAI L . 4.79 -7.40 -31.68
N3A NAI L . 4.70 -7.34 -31.72
C4A NAI L . 5.69 -6.86 -32.50
C4A NAI L . 5.64 -6.71 -32.41
O3 NAI L . 10.38 -1.06 -33.29
O3 NAI L . 10.60 -1.50 -33.43
PN NAI L . 11.28 -1.76 -32.12
PN NAI L . 11.24 -2.00 -32.00
O1N NAI L . 10.47 -1.73 -30.87
O1N NAI L . 10.18 -1.92 -30.96
O2N NAI L . 12.66 -1.18 -32.21
O2N NAI L . 12.56 -1.32 -31.90
O5D NAI L . 11.34 -3.35 -32.56
O5D NAI L . 11.52 -3.63 -32.23
C5D NAI L . 12.34 -3.72 -33.49
C5D NAI L . 12.78 -4.04 -32.73
C4D NAI L . 12.44 -5.22 -33.69
C4D NAI L . 12.82 -5.52 -33.06
O4D NAI L . 12.27 -5.96 -32.49
O4D NAI L . 12.33 -6.35 -32.01
C3D NAI L . 11.39 -5.74 -34.67
C3D NAI L . 11.95 -5.82 -34.28
O3D NAI L . 12.05 -6.16 -35.85
O3D NAI L . 12.48 -6.91 -34.98
C2D NAI L . 10.77 -6.95 -33.97
C2D NAI L . 10.65 -6.28 -33.62
O2D NAI L . 10.95 -8.14 -34.71
O2D NAI L . 9.88 -7.14 -34.42
C1D NAI L . 11.48 -7.11 -32.64
C1D NAI L . 11.20 -7.08 -32.44
N1N NAI L . 10.63 -7.22 -31.49
N1N NAI L . 10.25 -7.22 -31.39
C2N NAI L . 9.73 -8.25 -31.32
C2N NAI L . 9.54 -8.37 -31.22
C3N NAI L . 8.81 -8.29 -30.33
C3N NAI L . 8.51 -8.49 -30.35
C7N NAI L . 7.99 -9.50 -30.16
C7N NAI L . 7.66 -9.68 -30.37
O7N NAI L . 7.28 -9.69 -29.17
O7N NAI L . 6.62 -9.75 -29.72
N7N NAI L . 8.02 -10.42 -31.15
N7N NAI L . 8.08 -10.72 -31.12
C4N NAI L . 8.68 -7.17 -29.33
C4N NAI L . 8.26 -7.43 -29.29
C5N NAI L . 9.74 -6.13 -29.56
C5N NAI L . 9.14 -6.25 -29.51
C6N NAI L . 10.69 -6.26 -30.48
C6N NAI L . 10.01 -6.16 -30.53
H51A NAI L . 6.78 -1.09 -33.37
H51A NAI L . 6.88 -1.04 -32.87
H52A NAI L . 7.84 -0.84 -32.26
H52A NAI L . 8.00 -0.91 -31.78
H4B NAI L . 5.84 -1.67 -31.34
H4B NAI L . 6.20 -1.80 -30.70
H3B NAI L . 8.23 -2.94 -30.91
H3B NAI L . 8.12 -3.88 -31.14
HO3A NAI L . 6.23 -2.13 -29.35
HO3A NAI L . 8.84 -2.54 -29.76
H2B NAI L . 7.44 -4.96 -30.74
H2B NAI L . 6.59 -5.22 -29.98
HO2A NAI L . 5.48 -5.18 -29.42
HO2A NAI L . 4.71 -4.10 -29.23
H1B NAI L . 4.85 -4.66 -31.34
H1B NAI L . 4.55 -4.57 -31.36
H8A NAI L . 7.52 -4.75 -33.77
H8A NAI L . 7.47 -4.45 -33.39
H61A NAI L . 6.73 -9.38 -35.43
H61A NAI L . 7.39 -8.80 -35.20
H62A NAI L . 7.06 -10.38 -34.40
H62A NAI L . 7.16 -10.09 -34.51
H2A NAI L . 3.99 -9.13 -31.40
H2A NAI L . 3.98 -9.11 -31.60
H51N NAI L . 13.21 -3.41 -33.20
H51N NAI L . 13.48 -3.86 -32.08
H52N NAI L . 12.17 -3.32 -34.36
H52N NAI L . 13.01 -3.55 -33.54
H4D NAI L . 13.32 -5.42 -34.02
H4D NAI L . 13.75 -5.76 -33.20
H3D NAI L . 10.72 -5.06 -34.83
H3D NAI L . 11.86 -5.03 -34.82
HO3N NAI L . 11.50 -6.63 -36.30
HO3N NAI L . 12.81 -7.46 -34.41
H2D NAI L . 9.85 -6.71 -33.77
H2D NAI L . 10.15 -5.51 -33.33
HO2N NAI L . 10.36 -8.17 -35.32
HO2N NAI L . 9.52 -7.72 -33.91
H1D NAI L . 12.02 -7.91 -32.69
H1D NAI L . 11.46 -7.97 -32.72
H2N NAI L . 9.79 -8.93 -31.95
H2N NAI L . 9.79 -9.09 -31.74
H71N NAI L . 7.56 -11.13 -31.08
H71N NAI L . 8.81 -10.67 -31.56
H72N NAI L . 8.50 -10.33 -31.86
H72N NAI L . 7.67 -11.45 -31.17
H4N NAI L . 8.75 -7.50 -28.42
H4N NAI L . 8.41 -7.79 -28.41
H42N NAI L . 7.81 -6.75 -29.38
H42N NAI L . 7.33 -7.15 -29.29
H5N NAI L . 9.74 -5.37 -29.04
H5N NAI L . 9.09 -5.53 -28.93
H6N NAI L . 11.43 -5.69 -30.51
H6N NAI L . 10.48 -5.37 -30.69
#